data_5TIK
#
_entry.id   5TIK
#
_cell.length_a   68.700
_cell.length_b   83.560
_cell.length_c   95.320
_cell.angle_alpha   96.770
_cell.angle_beta   104.110
_cell.angle_gamma   115.210
#
_symmetry.space_group_name_H-M   'P 1'
#
loop_
_entity.id
_entity.type
_entity.pdbx_description
1 polymer 'Cysteine-rich protective antigen'
2 water water
#
_entity_poly.entity_id   1
_entity_poly.type   'polypeptide(L)'
_entity_poly.pdbx_seq_one_letter_code
;GTSRHVFIRTELSFIKNNVPCIRDMFFIYKRELYNICLDDLKGEEDETHIYVQKKVKDSWITLNDLFKETDLTGRPHIFA
YVDVEEIIILLCEDEEFSNRKKDMTCHRFYSNDGKEYNNAEITISDYILKDKLLSSYVSLPLKIENREYFLICGVSPYKF
KDDNKKDDILCMASHDKGETWGTKIVIKYDNYKLGVQYFFLRPYISKNDLSFHFYVGDNINNVKNVNFIECTHEKDLEFV
CSNRDFLKDNKVLQDVSTLNDEYIVSYGNDNNFAECYIFFNNENSILIKPEKYGNTAAGCYGGTFVKIDENRALFIYSSS
QGIYNIHTIYYANYE
;
_entity_poly.pdbx_strand_id   A,B,C,D
#
# COMPACT_ATOMS: atom_id res chain seq x y z
N SER A 3 4.51 -16.37 6.40
CA SER A 3 3.99 -15.02 6.28
C SER A 3 5.04 -14.05 5.75
N ARG A 4 5.40 -14.20 4.48
CA ARG A 4 6.39 -13.32 3.88
C ARG A 4 5.85 -11.89 3.75
N HIS A 5 4.66 -11.73 3.16
CA HIS A 5 4.10 -10.42 2.89
C HIS A 5 2.92 -10.15 3.84
N VAL A 6 2.97 -9.01 4.51
CA VAL A 6 1.90 -8.57 5.40
C VAL A 6 1.60 -7.11 5.09
N PHE A 7 0.35 -6.83 4.73
CA PHE A 7 -0.10 -5.47 4.43
C PHE A 7 -1.22 -5.10 5.39
N ILE A 8 -1.04 -3.99 6.12
CA ILE A 8 -2.05 -3.46 7.02
C ILE A 8 -2.19 -1.97 6.75
N ARG A 9 -3.42 -1.50 6.61
CA ARG A 9 -3.68 -0.08 6.45
C ARG A 9 -5.07 0.23 6.95
N THR A 10 -5.17 1.32 7.72
CA THR A 10 -6.44 1.78 8.26
C THR A 10 -6.65 3.24 7.89
N GLU A 11 -7.90 3.61 7.61
CA GLU A 11 -8.28 4.99 7.36
C GLU A 11 -9.41 5.37 8.28
N LEU A 12 -9.31 6.55 8.89
CA LEU A 12 -10.31 7.05 9.83
C LEU A 12 -11.27 7.97 9.08
N SER A 13 -12.57 7.69 9.23
CA SER A 13 -13.62 8.54 8.68
C SER A 13 -14.67 8.79 9.75
N PHE A 14 -15.37 9.92 9.62
CA PHE A 14 -16.41 10.31 10.56
C PHE A 14 -17.74 10.42 9.82
N ILE A 15 -18.79 9.90 10.44
CA ILE A 15 -20.15 9.97 9.92
C ILE A 15 -21.05 10.56 10.99
N LYS A 16 -21.83 11.58 10.61
CA LYS A 16 -22.73 12.26 11.54
C LYS A 16 -24.16 11.78 11.33
N ASN A 17 -24.92 11.74 12.43
CA ASN A 17 -26.29 11.25 12.41
C ASN A 17 -27.17 12.19 13.21
N ASN A 18 -28.30 12.57 12.62
CA ASN A 18 -29.25 13.47 13.27
C ASN A 18 -30.23 12.75 14.19
N VAL A 19 -30.22 11.42 14.20
CA VAL A 19 -31.15 10.62 15.00
C VAL A 19 -30.38 10.02 16.17
N PRO A 20 -30.83 10.22 17.41
CA PRO A 20 -30.16 9.59 18.55
C PRO A 20 -30.58 8.13 18.71
N CYS A 21 -29.77 7.21 18.21
CA CYS A 21 -30.10 5.80 18.23
C CYS A 21 -29.77 5.19 19.59
N ILE A 22 -30.75 4.50 20.18
CA ILE A 22 -30.48 3.75 21.41
C ILE A 22 -29.54 2.58 21.11
N ARG A 23 -29.86 1.80 20.10
CA ARG A 23 -29.05 0.68 19.66
C ARG A 23 -28.76 0.82 18.17
N ASP A 24 -27.55 0.42 17.77
CA ASP A 24 -27.12 0.52 16.39
C ASP A 24 -26.92 -0.88 15.81
N MET A 25 -27.38 -1.06 14.57
CA MET A 25 -27.16 -2.30 13.83
C MET A 25 -26.67 -1.92 12.44
N PHE A 26 -25.43 -2.29 12.13
CA PHE A 26 -24.80 -1.95 10.86
C PHE A 26 -24.66 -3.19 9.99
N PHE A 27 -24.85 -3.01 8.68
CA PHE A 27 -24.63 -4.07 7.72
C PHE A 27 -24.34 -3.45 6.37
N ILE A 28 -23.48 -4.10 5.60
CA ILE A 28 -23.15 -3.66 4.25
C ILE A 28 -23.97 -4.47 3.25
N TYR A 29 -24.35 -3.81 2.16
CA TYR A 29 -25.17 -4.46 1.15
C TYR A 29 -24.97 -3.74 -0.17
N LYS A 30 -24.50 -4.47 -1.18
CA LYS A 30 -24.21 -3.91 -2.51
C LYS A 30 -23.22 -2.75 -2.39
N ARG A 31 -22.13 -2.99 -1.65
CA ARG A 31 -21.04 -2.04 -1.50
C ARG A 31 -21.52 -0.71 -0.94
N GLU A 32 -22.44 -0.77 0.02
CA GLU A 32 -22.98 0.42 0.67
C GLU A 32 -23.29 0.09 2.12
N LEU A 33 -22.94 1.01 3.01
CA LEU A 33 -23.12 0.81 4.45
C LEU A 33 -24.52 1.23 4.88
N TYR A 34 -25.23 0.34 5.54
CA TYR A 34 -26.56 0.58 6.06
C TYR A 34 -26.54 0.55 7.58
N ASN A 35 -27.64 1.02 8.18
CA ASN A 35 -27.77 1.03 9.63
C ASN A 35 -29.24 1.00 10.01
N ILE A 36 -29.62 0.01 10.80
CA ILE A 36 -30.95 -0.03 11.41
C ILE A 36 -30.86 0.67 12.76
N CYS A 37 -31.67 1.71 12.94
CA CYS A 37 -31.58 2.59 14.10
C CYS A 37 -32.89 2.62 14.85
N LEU A 38 -32.81 2.52 16.17
CA LEU A 38 -33.96 2.58 17.06
C LEU A 38 -34.02 3.94 17.73
N ASP A 39 -35.15 4.62 17.63
CA ASP A 39 -35.29 5.98 18.11
C ASP A 39 -36.48 6.07 19.06
N ASP A 40 -36.21 6.50 20.30
CA ASP A 40 -37.25 6.69 21.29
C ASP A 40 -37.22 8.12 21.85
N GLU A 47 -42.70 9.42 20.51
CA GLU A 47 -43.05 8.30 19.64
C GLU A 47 -41.81 7.49 19.28
N THR A 48 -41.93 6.17 19.33
CA THR A 48 -40.83 5.27 19.01
C THR A 48 -40.78 5.02 17.51
N HIS A 49 -39.55 5.02 16.97
CA HIS A 49 -39.33 4.85 15.55
C HIS A 49 -38.21 3.84 15.32
N ILE A 50 -38.23 3.21 14.15
CA ILE A 50 -37.18 2.30 13.71
C ILE A 50 -36.82 2.71 12.28
N TYR A 51 -35.79 3.54 12.14
CA TYR A 51 -35.39 4.04 10.83
C TYR A 51 -34.36 3.11 10.20
N VAL A 52 -34.44 2.96 8.88
CA VAL A 52 -33.41 2.32 8.08
C VAL A 52 -32.58 3.42 7.45
N GLN A 53 -31.27 3.42 7.69
CA GLN A 53 -30.39 4.50 7.28
C GLN A 53 -29.26 3.96 6.41
N LYS A 54 -28.96 4.68 5.34
CA LYS A 54 -27.87 4.35 4.43
C LYS A 54 -26.83 5.46 4.47
N LYS A 55 -25.56 5.09 4.40
CA LYS A 55 -24.46 6.04 4.50
C LYS A 55 -24.09 6.55 3.11
N VAL A 56 -24.23 7.85 2.90
CA VAL A 56 -23.75 8.53 1.70
C VAL A 56 -22.91 9.72 2.14
N LYS A 57 -21.77 9.91 1.48
CA LYS A 57 -20.83 10.98 1.80
C LYS A 57 -20.41 10.92 3.27
N ASP A 58 -20.81 11.90 4.08
CA ASP A 58 -20.35 12.02 5.46
C ASP A 58 -21.49 11.98 6.47
N SER A 59 -22.67 11.50 6.08
CA SER A 59 -23.79 11.54 7.00
C SER A 59 -24.74 10.38 6.71
N TRP A 60 -25.47 9.98 7.75
CA TRP A 60 -26.55 9.01 7.62
C TRP A 60 -27.80 9.69 7.12
N ILE A 61 -28.44 9.11 6.10
CA ILE A 61 -29.72 9.58 5.60
C ILE A 61 -30.76 8.52 5.90
N THR A 62 -31.98 8.95 6.21
CA THR A 62 -33.05 8.04 6.59
C THR A 62 -33.85 7.65 5.35
N LEU A 63 -33.91 6.34 5.08
CA LEU A 63 -34.58 5.84 3.88
C LEU A 63 -36.07 5.59 4.12
N ASN A 64 -36.42 4.90 5.20
CA ASN A 64 -37.81 4.61 5.50
C ASN A 64 -37.94 4.16 6.96
N ASP A 65 -39.03 4.60 7.60
CA ASP A 65 -39.40 4.11 8.91
C ASP A 65 -40.38 2.95 8.73
N LEU A 66 -40.01 1.79 9.24
CA LEU A 66 -40.84 0.60 9.12
C LEU A 66 -41.61 0.26 10.40
N PHE A 67 -41.34 0.96 11.51
CA PHE A 67 -42.12 0.75 12.72
C PHE A 67 -43.54 1.28 12.54
N LYS A 68 -43.69 2.40 11.82
CA LYS A 68 -45.02 2.95 11.57
C LYS A 68 -45.88 2.05 10.71
N GLU A 69 -45.30 1.01 10.09
CA GLU A 69 -46.07 0.12 9.23
C GLU A 69 -46.91 -0.87 10.04
N THR A 70 -46.48 -1.19 11.26
CA THR A 70 -47.16 -2.17 12.10
C THR A 70 -47.88 -1.56 13.29
N ASP A 71 -47.32 -0.51 13.88
CA ASP A 71 -47.87 0.13 15.09
C ASP A 71 -47.82 -0.84 16.28
N LEU A 72 -46.62 -1.34 16.55
CA LEU A 72 -46.39 -2.13 17.75
C LEU A 72 -46.34 -1.21 18.98
N THR A 73 -46.15 -1.83 20.14
CA THR A 73 -46.04 -1.10 21.40
C THR A 73 -44.64 -1.30 21.97
N GLY A 74 -43.97 -0.20 22.26
CA GLY A 74 -42.64 -0.29 22.84
C GLY A 74 -41.58 -0.63 21.80
N ARG A 75 -40.42 -1.06 22.30
CA ARG A 75 -39.27 -1.34 21.46
C ARG A 75 -39.26 -2.83 21.10
N PRO A 76 -39.43 -3.18 19.84
CA PRO A 76 -39.46 -4.60 19.45
C PRO A 76 -38.08 -5.13 19.09
N HIS A 77 -37.98 -6.47 19.10
CA HIS A 77 -36.77 -7.13 18.65
C HIS A 77 -36.62 -6.98 17.14
N ILE A 78 -35.37 -6.90 16.68
CA ILE A 78 -35.05 -6.69 15.28
C ILE A 78 -34.15 -7.82 14.82
N PHE A 79 -34.56 -8.51 13.76
CA PHE A 79 -33.78 -9.58 13.16
C PHE A 79 -33.63 -9.26 11.67
N ALA A 80 -32.46 -8.74 11.29
CA ALA A 80 -32.20 -8.36 9.91
C ALA A 80 -31.29 -9.40 9.26
N TYR A 81 -31.71 -9.91 8.10
CA TYR A 81 -30.93 -10.87 7.33
C TYR A 81 -30.61 -10.26 5.98
N VAL A 82 -29.32 -10.17 5.67
CA VAL A 82 -28.84 -9.60 4.41
C VAL A 82 -28.40 -10.73 3.50
N ASP A 83 -28.90 -10.71 2.27
CA ASP A 83 -28.49 -11.63 1.22
C ASP A 83 -27.91 -10.82 0.07
N VAL A 84 -27.52 -11.52 -1.01
CA VAL A 84 -26.87 -10.85 -2.12
C VAL A 84 -27.84 -10.02 -2.93
N GLU A 85 -29.14 -10.34 -2.87
CA GLU A 85 -30.14 -9.63 -3.67
C GLU A 85 -31.29 -9.05 -2.85
N GLU A 86 -31.56 -9.58 -1.65
CA GLU A 86 -32.69 -9.15 -0.85
C GLU A 86 -32.28 -8.90 0.59
N ILE A 87 -33.01 -8.01 1.25
CA ILE A 87 -32.88 -7.73 2.67
C ILE A 87 -34.19 -8.10 3.36
N ILE A 88 -34.10 -8.78 4.49
CA ILE A 88 -35.27 -9.26 5.21
C ILE A 88 -35.13 -8.89 6.68
N ILE A 89 -36.04 -8.06 7.17
CA ILE A 89 -36.03 -7.58 8.55
C ILE A 89 -37.30 -8.07 9.23
N LEU A 90 -37.13 -8.64 10.42
CA LEU A 90 -38.24 -9.11 11.25
C LEU A 90 -38.34 -8.26 12.49
N LEU A 91 -39.54 -7.74 12.75
CA LEU A 91 -39.83 -6.99 13.98
C LEU A 91 -40.72 -7.85 14.86
N CYS A 92 -40.16 -8.35 15.97
CA CYS A 92 -40.87 -9.21 16.89
C CYS A 92 -41.10 -8.49 18.21
N GLU A 93 -42.30 -8.63 18.75
CA GLU A 93 -42.65 -7.94 19.99
C GLU A 93 -41.95 -8.56 21.18
N ASP A 94 -41.52 -7.71 22.12
CA ASP A 94 -40.85 -8.17 23.32
C ASP A 94 -41.87 -8.61 24.37
N LYS A 101 -47.17 -14.27 24.42
CA LYS A 101 -48.05 -15.43 24.44
C LYS A 101 -47.28 -16.71 24.17
N LYS A 102 -47.98 -17.71 23.66
CA LYS A 102 -47.35 -18.97 23.25
C LYS A 102 -46.89 -18.96 21.80
N ASP A 103 -47.33 -17.98 21.02
CA ASP A 103 -46.94 -17.84 19.63
C ASP A 103 -46.17 -16.54 19.45
N MET A 104 -45.04 -16.63 18.76
CA MET A 104 -44.23 -15.44 18.51
C MET A 104 -44.88 -14.59 17.43
N THR A 105 -45.05 -13.30 17.71
CA THR A 105 -45.66 -12.36 16.78
C THR A 105 -44.57 -11.47 16.21
N CYS A 106 -44.27 -11.68 14.92
CA CYS A 106 -43.26 -10.89 14.22
C CYS A 106 -43.88 -10.27 12.97
N HIS A 107 -43.09 -9.44 12.30
CA HIS A 107 -43.54 -8.76 11.09
C HIS A 107 -42.38 -8.73 10.10
N ARG A 108 -42.53 -9.48 9.01
CA ARG A 108 -41.45 -9.77 8.09
C ARG A 108 -41.48 -8.78 6.93
N PHE A 109 -40.38 -8.05 6.75
CA PHE A 109 -40.25 -7.06 5.68
C PHE A 109 -39.25 -7.56 4.64
N TYR A 110 -39.64 -7.48 3.38
CA TYR A 110 -38.81 -7.92 2.27
C TYR A 110 -38.48 -6.73 1.37
N SER A 111 -37.30 -6.77 0.75
CA SER A 111 -36.86 -5.68 -0.10
C SER A 111 -35.69 -6.13 -0.95
N ASN A 112 -35.81 -5.97 -2.27
CA ASN A 112 -34.68 -6.16 -3.16
C ASN A 112 -33.80 -4.92 -3.23
N ASP A 113 -34.39 -3.74 -3.03
CA ASP A 113 -33.68 -2.49 -2.96
C ASP A 113 -33.61 -1.99 -1.53
N GLY A 114 -32.68 -1.07 -1.27
CA GLY A 114 -32.52 -0.56 0.08
C GLY A 114 -33.58 0.42 0.52
N LYS A 115 -34.30 1.03 -0.42
CA LYS A 115 -35.17 2.15 -0.09
C LYS A 115 -36.60 1.73 0.25
N GLU A 116 -37.19 0.81 -0.52
CA GLU A 116 -38.59 0.44 -0.37
C GLU A 116 -38.69 -1.00 0.13
N TYR A 117 -39.56 -1.21 1.12
CA TYR A 117 -39.72 -2.51 1.77
C TYR A 117 -41.16 -2.99 1.65
N ASN A 118 -41.33 -4.30 1.44
CA ASN A 118 -42.64 -4.92 1.38
C ASN A 118 -43.06 -5.38 2.77
N ASN A 119 -44.29 -5.05 3.15
CA ASN A 119 -44.81 -5.39 4.46
C ASN A 119 -45.51 -6.74 4.44
N ALA A 120 -45.35 -7.51 5.52
CA ALA A 120 -46.01 -8.80 5.66
C ALA A 120 -45.98 -9.20 7.12
N GLU A 121 -47.15 -9.46 7.70
CA GLU A 121 -47.24 -9.92 9.08
C GLU A 121 -47.17 -11.44 9.11
N ILE A 122 -46.32 -11.97 10.00
CA ILE A 122 -46.13 -13.41 10.13
C ILE A 122 -46.29 -13.78 11.61
N THR A 123 -46.29 -15.09 11.86
CA THR A 123 -46.43 -15.61 13.22
C THR A 123 -45.88 -17.03 13.25
N ILE A 124 -45.32 -17.40 14.39
CA ILE A 124 -44.74 -18.72 14.60
C ILE A 124 -45.53 -19.41 15.70
N SER A 125 -46.17 -20.53 15.36
CA SER A 125 -46.98 -21.28 16.32
C SER A 125 -46.10 -22.19 17.16
N ASP A 126 -46.28 -22.11 18.48
CA ASP A 126 -45.57 -22.95 19.44
C ASP A 126 -44.04 -22.86 19.23
N TYR A 127 -43.54 -21.63 19.28
CA TYR A 127 -42.13 -21.41 19.08
C TYR A 127 -41.32 -21.92 20.27
N ILE A 128 -40.07 -22.30 19.99
CA ILE A 128 -39.23 -22.95 21.00
C ILE A 128 -38.49 -21.94 21.87
N LEU A 129 -38.53 -20.65 21.54
CA LEU A 129 -37.74 -19.64 22.23
C LEU A 129 -38.56 -18.86 23.25
N LYS A 130 -39.53 -19.51 23.90
CA LYS A 130 -40.31 -18.82 24.92
C LYS A 130 -39.50 -18.58 26.18
N ASP A 131 -38.69 -19.57 26.58
CA ASP A 131 -37.86 -19.42 27.77
C ASP A 131 -36.56 -18.67 27.47
N LYS A 132 -36.00 -18.87 26.28
CA LYS A 132 -34.68 -18.33 25.98
C LYS A 132 -34.71 -16.80 25.87
N LEU A 133 -33.61 -16.19 26.29
CA LEU A 133 -33.40 -14.76 26.11
C LEU A 133 -32.85 -14.50 24.72
N LEU A 134 -33.56 -13.68 23.94
CA LEU A 134 -33.14 -13.36 22.58
C LEU A 134 -32.90 -11.86 22.45
N SER A 135 -32.06 -11.50 21.48
CA SER A 135 -31.68 -10.12 21.26
C SER A 135 -31.49 -9.89 19.77
N SER A 136 -31.25 -8.63 19.41
CA SER A 136 -31.21 -8.19 18.02
C SER A 136 -29.81 -8.35 17.43
N TYR A 137 -29.77 -8.62 16.13
CA TYR A 137 -28.52 -8.79 15.40
C TYR A 137 -28.81 -8.87 13.91
N VAL A 138 -27.78 -8.60 13.11
CA VAL A 138 -27.81 -8.84 11.67
C VAL A 138 -26.93 -10.03 11.36
N SER A 139 -27.34 -10.84 10.39
CA SER A 139 -26.55 -11.97 9.94
C SER A 139 -26.95 -12.31 8.51
N LEU A 140 -26.21 -13.25 7.93
CA LEU A 140 -26.41 -13.70 6.56
C LEU A 140 -26.81 -15.17 6.56
N PRO A 141 -27.34 -15.68 5.45
CA PRO A 141 -27.77 -17.08 5.40
C PRO A 141 -26.66 -18.04 5.84
N LEU A 142 -27.06 -19.07 6.58
CA LEU A 142 -26.17 -20.16 6.97
C LEU A 142 -26.36 -21.31 5.99
N LYS A 143 -25.32 -21.61 5.22
CA LYS A 143 -25.42 -22.59 4.14
C LYS A 143 -25.05 -23.97 4.68
N ILE A 144 -26.04 -24.86 4.73
CA ILE A 144 -25.84 -26.28 4.99
C ILE A 144 -26.21 -27.03 3.73
N GLU A 145 -25.22 -27.66 3.10
CA GLU A 145 -25.39 -28.42 1.85
C GLU A 145 -25.90 -27.45 0.79
N ASN A 146 -27.09 -27.65 0.22
CA ASN A 146 -27.65 -26.73 -0.76
C ASN A 146 -28.79 -25.90 -0.18
N ARG A 147 -28.89 -25.82 1.14
CA ARG A 147 -29.93 -25.06 1.81
C ARG A 147 -29.32 -23.86 2.51
N GLU A 148 -30.10 -22.77 2.56
CA GLU A 148 -29.68 -21.53 3.21
C GLU A 148 -30.69 -21.19 4.30
N TYR A 149 -30.19 -20.93 5.51
CA TYR A 149 -31.04 -20.76 6.68
C TYR A 149 -30.85 -19.37 7.29
N PHE A 150 -31.95 -18.78 7.73
CA PHE A 150 -31.94 -17.64 8.63
C PHE A 150 -32.12 -18.14 10.05
N LEU A 151 -31.31 -17.63 10.97
CA LEU A 151 -31.30 -18.11 12.35
C LEU A 151 -31.87 -17.07 13.30
N ILE A 152 -32.88 -17.46 14.07
CA ILE A 152 -33.31 -16.72 15.25
C ILE A 152 -32.86 -17.54 16.45
N CYS A 153 -31.82 -17.07 17.14
CA CYS A 153 -31.18 -17.81 18.21
C CYS A 153 -31.51 -17.20 19.56
N GLY A 154 -31.52 -18.04 20.59
CA GLY A 154 -31.73 -17.59 21.94
C GLY A 154 -30.89 -18.40 22.90
N VAL A 155 -30.66 -17.81 24.07
CA VAL A 155 -29.93 -18.45 25.15
C VAL A 155 -30.75 -18.30 26.43
N SER A 156 -30.77 -19.35 27.24
CA SER A 156 -31.40 -19.24 28.56
C SER A 156 -30.59 -18.28 29.41
N PRO A 157 -31.21 -17.23 29.96
CA PRO A 157 -30.43 -16.17 30.63
C PRO A 157 -29.84 -16.60 31.96
N TYR A 158 -30.21 -17.76 32.48
CA TYR A 158 -29.77 -18.22 33.79
C TYR A 158 -30.28 -19.64 33.99
N LYS A 159 -29.46 -20.47 34.62
CA LYS A 159 -29.82 -21.86 34.88
C LYS A 159 -29.30 -22.23 36.26
N PHE A 160 -30.22 -22.45 37.21
CA PHE A 160 -29.82 -22.66 38.59
C PHE A 160 -29.17 -24.03 38.78
N LYS A 161 -29.78 -25.07 38.22
CA LYS A 161 -29.24 -26.42 38.32
C LYS A 161 -29.31 -27.10 36.97
N ASP A 162 -28.57 -28.20 36.85
CA ASP A 162 -28.36 -28.86 35.56
C ASP A 162 -29.59 -29.67 35.16
N ASP A 163 -29.75 -29.85 33.85
CA ASP A 163 -30.83 -30.66 33.30
C ASP A 163 -30.27 -31.93 32.64
N LYS A 166 -30.22 -31.08 26.96
CA LYS A 166 -29.70 -29.84 27.52
C LYS A 166 -29.53 -28.79 26.42
N ASP A 167 -30.61 -28.08 26.10
CA ASP A 167 -30.61 -27.08 25.04
C ASP A 167 -30.50 -25.70 25.69
N ASP A 168 -29.27 -25.35 26.09
CA ASP A 168 -29.03 -24.04 26.67
C ASP A 168 -29.05 -22.95 25.60
N ILE A 169 -28.52 -23.26 24.40
CA ILE A 169 -28.61 -22.41 23.24
C ILE A 169 -29.35 -23.18 22.16
N LEU A 170 -30.31 -22.53 21.49
CA LEU A 170 -31.00 -23.17 20.39
C LEU A 170 -31.50 -22.11 19.42
N CYS A 171 -31.42 -22.41 18.13
CA CYS A 171 -31.86 -21.51 17.07
C CYS A 171 -32.99 -22.17 16.30
N MET A 172 -34.01 -21.37 15.97
CA MET A 172 -35.05 -21.80 15.05
C MET A 172 -34.76 -21.19 13.68
N ALA A 173 -34.72 -22.04 12.66
CA ALA A 173 -34.25 -21.66 11.34
C ALA A 173 -35.39 -21.66 10.33
N SER A 174 -35.13 -21.03 9.19
CA SER A 174 -36.08 -20.97 8.08
C SER A 174 -35.31 -21.05 6.77
N HIS A 175 -35.72 -21.97 5.90
CA HIS A 175 -35.11 -22.12 4.59
C HIS A 175 -35.95 -21.51 3.49
N ASP A 176 -36.85 -20.59 3.84
CA ASP A 176 -37.80 -20.02 2.89
C ASP A 176 -37.81 -18.50 2.96
N LYS A 177 -36.68 -17.90 3.34
CA LYS A 177 -36.56 -16.45 3.49
C LYS A 177 -37.47 -15.91 4.58
N GLY A 178 -37.73 -16.72 5.60
CA GLY A 178 -38.36 -16.25 6.82
C GLY A 178 -39.87 -16.34 6.90
N GLU A 179 -40.52 -17.11 6.02
CA GLU A 179 -41.98 -17.22 6.09
C GLU A 179 -42.43 -18.38 6.99
N THR A 180 -41.69 -19.48 7.03
CA THR A 180 -41.99 -20.60 7.92
C THR A 180 -40.74 -20.92 8.73
N TRP A 181 -40.86 -20.88 10.05
CA TRP A 181 -39.75 -21.12 10.97
C TRP A 181 -39.83 -22.49 11.63
N GLY A 182 -40.25 -23.52 10.89
CA GLY A 182 -40.41 -24.84 11.46
C GLY A 182 -39.13 -25.64 11.63
N THR A 183 -38.00 -25.13 11.16
CA THR A 183 -36.73 -25.82 11.28
C THR A 183 -36.07 -25.49 12.62
N LYS A 184 -35.32 -26.45 13.14
CA LYS A 184 -34.65 -26.31 14.43
C LYS A 184 -33.17 -26.66 14.28
N ILE A 185 -32.31 -25.81 14.84
CA ILE A 185 -30.87 -26.05 14.86
C ILE A 185 -30.46 -26.33 16.31
N VAL A 186 -29.78 -27.44 16.52
CA VAL A 186 -29.31 -27.82 17.85
C VAL A 186 -27.91 -27.27 18.06
N ILE A 187 -27.67 -26.72 19.25
CA ILE A 187 -26.39 -26.13 19.61
C ILE A 187 -25.93 -26.82 20.89
N LYS A 188 -24.98 -27.74 20.77
CA LYS A 188 -24.44 -28.48 21.92
C LYS A 188 -23.29 -27.67 22.50
N TYR A 189 -23.56 -26.95 23.58
CA TYR A 189 -22.57 -26.12 24.27
C TYR A 189 -22.26 -26.80 25.61
N ASP A 190 -21.20 -27.61 25.63
CA ASP A 190 -20.85 -28.36 26.83
C ASP A 190 -20.34 -27.49 27.97
N ASN A 191 -20.08 -26.20 27.73
CA ASN A 191 -19.47 -25.33 28.72
C ASN A 191 -20.43 -24.25 29.22
N TYR A 192 -21.73 -24.53 29.20
CA TYR A 192 -22.70 -23.60 29.74
C TYR A 192 -22.67 -23.64 31.27
N LYS A 193 -22.53 -22.48 31.89
CA LYS A 193 -22.30 -22.38 33.33
C LYS A 193 -23.60 -22.22 34.10
N LEU A 194 -23.70 -22.94 35.21
CA LEU A 194 -24.86 -22.84 36.09
C LEU A 194 -24.70 -21.67 37.05
N GLY A 195 -25.82 -21.04 37.39
CA GLY A 195 -25.79 -19.91 38.31
C GLY A 195 -25.15 -18.66 37.76
N VAL A 196 -25.16 -18.49 36.44
CA VAL A 196 -24.50 -17.37 35.78
C VAL A 196 -25.46 -16.78 34.75
N GLN A 197 -25.41 -15.45 34.58
CA GLN A 197 -26.27 -14.75 33.63
C GLN A 197 -25.62 -14.67 32.26
N TYR A 198 -26.44 -14.84 31.23
CA TYR A 198 -26.06 -14.65 29.84
C TYR A 198 -26.91 -13.53 29.26
N PHE A 199 -26.32 -12.72 28.38
CA PHE A 199 -26.91 -11.42 28.07
C PHE A 199 -27.18 -11.20 26.58
N PHE A 200 -26.18 -11.26 25.72
CA PHE A 200 -26.30 -10.72 24.36
C PHE A 200 -25.82 -11.76 23.35
N LEU A 201 -26.62 -12.81 23.15
CA LEU A 201 -26.27 -13.87 22.21
C LEU A 201 -26.52 -13.41 20.79
N ARG A 202 -25.48 -13.47 19.95
CA ARG A 202 -25.58 -13.12 18.54
C ARG A 202 -24.76 -14.13 17.72
N PRO A 203 -25.33 -14.67 16.64
CA PRO A 203 -24.56 -15.60 15.80
C PRO A 203 -23.70 -14.86 14.79
N TYR A 204 -22.46 -15.31 14.65
CA TYR A 204 -21.49 -14.75 13.72
C TYR A 204 -21.22 -15.80 12.64
N ILE A 205 -21.77 -15.57 11.44
CA ILE A 205 -21.67 -16.53 10.36
C ILE A 205 -20.68 -16.04 9.32
N SER A 206 -19.39 -16.18 9.61
CA SER A 206 -18.35 -15.93 8.62
C SER A 206 -18.16 -17.18 7.77
N LYS A 207 -18.04 -16.98 6.46
CA LYS A 207 -17.96 -18.07 5.48
C LYS A 207 -19.26 -18.90 5.64
N ASN A 208 -19.17 -20.20 5.86
CA ASN A 208 -20.33 -21.03 6.17
C ASN A 208 -20.17 -21.74 7.51
N ASP A 209 -19.46 -21.10 8.44
CA ASP A 209 -19.24 -21.63 9.77
C ASP A 209 -20.02 -20.81 10.80
N LEU A 210 -20.67 -21.51 11.72
CA LEU A 210 -21.47 -20.85 12.75
C LEU A 210 -20.61 -20.52 13.96
N SER A 211 -20.80 -19.32 14.50
CA SER A 211 -20.10 -18.88 15.69
C SER A 211 -21.06 -18.05 16.53
N PHE A 212 -20.79 -17.95 17.82
CA PHE A 212 -21.63 -17.20 18.74
C PHE A 212 -20.78 -16.26 19.57
N HIS A 213 -21.30 -15.05 19.79
CA HIS A 213 -20.66 -14.01 20.58
C HIS A 213 -21.66 -13.49 21.59
N PHE A 214 -21.45 -13.80 22.86
CA PHE A 214 -22.38 -13.42 23.91
C PHE A 214 -21.65 -12.86 25.13
N TYR A 215 -22.37 -12.61 26.21
CA TYR A 215 -21.82 -12.04 27.43
C TYR A 215 -22.11 -12.95 28.61
N VAL A 216 -21.15 -13.03 29.53
CA VAL A 216 -21.26 -13.85 30.73
C VAL A 216 -20.94 -12.99 31.94
N GLY A 217 -21.83 -13.03 32.93
CA GLY A 217 -21.63 -12.25 34.14
C GLY A 217 -20.75 -12.98 35.14
N ASP A 218 -19.68 -12.33 35.58
CA ASP A 218 -18.79 -12.89 36.60
C ASP A 218 -19.22 -12.35 37.96
N ASN A 219 -19.85 -13.22 38.76
CA ASN A 219 -20.52 -12.75 39.98
C ASN A 219 -19.54 -12.33 41.07
N ILE A 220 -18.31 -12.83 41.07
CA ILE A 220 -17.36 -12.44 42.11
C ILE A 220 -16.73 -11.10 41.78
N ASN A 221 -16.46 -10.83 40.51
CA ASN A 221 -15.90 -9.55 40.08
C ASN A 221 -16.96 -8.56 39.65
N ASN A 222 -18.21 -8.99 39.54
CA ASN A 222 -19.31 -8.17 39.02
C ASN A 222 -18.89 -7.51 37.71
N VAL A 223 -18.79 -8.35 36.67
CA VAL A 223 -18.34 -7.89 35.36
C VAL A 223 -18.96 -8.79 34.30
N LYS A 224 -19.32 -8.17 33.18
CA LYS A 224 -19.86 -8.88 32.01
C LYS A 224 -18.70 -9.09 31.05
N ASN A 225 -18.18 -10.31 31.02
CA ASN A 225 -17.10 -10.69 30.12
C ASN A 225 -17.68 -11.33 28.86
N VAL A 226 -17.22 -10.92 27.70
CA VAL A 226 -17.70 -11.52 26.46
C VAL A 226 -17.10 -12.91 26.33
N ASN A 227 -17.87 -13.80 25.71
CA ASN A 227 -17.40 -15.14 25.36
C ASN A 227 -17.56 -15.33 23.86
N PHE A 228 -16.66 -16.11 23.27
CA PHE A 228 -16.74 -16.44 21.86
C PHE A 228 -16.55 -17.95 21.71
N ILE A 229 -17.48 -18.60 21.01
CA ILE A 229 -17.47 -20.04 20.84
C ILE A 229 -17.54 -20.36 19.35
N GLU A 230 -16.66 -21.23 18.89
CA GLU A 230 -16.68 -21.74 17.53
C GLU A 230 -17.51 -23.01 17.48
N CYS A 231 -18.28 -23.18 16.41
CA CYS A 231 -19.14 -24.34 16.25
C CYS A 231 -18.68 -25.18 15.06
N THR A 232 -18.74 -26.50 15.23
CA THR A 232 -18.46 -27.45 14.17
C THR A 232 -19.74 -28.20 13.81
N HIS A 233 -19.73 -28.82 12.64
CA HIS A 233 -20.91 -29.48 12.09
C HIS A 233 -20.84 -30.96 12.43
N GLU A 234 -21.38 -31.32 13.61
CA GLU A 234 -21.42 -32.71 14.01
C GLU A 234 -22.46 -33.48 13.21
N LYS A 235 -23.72 -33.09 13.31
CA LYS A 235 -24.82 -33.67 12.55
C LYS A 235 -25.30 -32.64 11.53
N ASP A 236 -26.14 -33.11 10.60
CA ASP A 236 -26.62 -32.25 9.52
C ASP A 236 -27.27 -30.98 10.03
N LEU A 237 -28.03 -31.07 11.12
CA LEU A 237 -28.69 -29.92 11.72
C LEU A 237 -28.29 -29.72 13.19
N GLU A 238 -27.23 -30.38 13.65
CA GLU A 238 -26.80 -30.28 15.03
C GLU A 238 -25.33 -29.88 15.06
N PHE A 239 -25.01 -28.91 15.91
CA PHE A 239 -23.66 -28.35 16.02
C PHE A 239 -23.09 -28.63 17.41
N VAL A 240 -21.76 -28.62 17.50
CA VAL A 240 -21.05 -28.75 18.76
C VAL A 240 -20.10 -27.56 18.85
N CYS A 241 -20.38 -26.66 19.80
CA CYS A 241 -19.61 -25.43 19.97
C CYS A 241 -18.79 -25.49 21.25
N SER A 242 -17.55 -25.02 21.16
CA SER A 242 -16.64 -24.95 22.30
C SER A 242 -16.05 -23.55 22.37
N ASN A 243 -15.58 -23.18 23.56
CA ASN A 243 -15.09 -21.82 23.78
C ASN A 243 -13.76 -21.60 23.07
N ARG A 244 -13.57 -20.38 22.58
CA ARG A 244 -12.33 -19.95 21.94
C ARG A 244 -11.68 -18.89 22.82
N ASP A 245 -10.41 -19.09 23.16
CA ASP A 245 -9.71 -18.25 24.14
C ASP A 245 -9.07 -17.07 23.42
N PHE A 246 -9.54 -15.87 23.73
CA PHE A 246 -8.91 -14.63 23.28
C PHE A 246 -8.45 -13.77 24.45
N LEU A 247 -8.48 -14.29 25.66
CA LEU A 247 -8.14 -13.49 26.83
C LEU A 247 -6.68 -13.06 26.78
N LYS A 248 -6.44 -11.79 27.10
CA LYS A 248 -5.10 -11.27 27.29
C LYS A 248 -5.12 -10.36 28.52
N ASP A 249 -4.07 -10.44 29.32
CA ASP A 249 -4.05 -9.77 30.61
C ASP A 249 -4.16 -8.26 30.45
N ASN A 250 -4.77 -7.62 31.45
CA ASN A 250 -4.92 -6.17 31.57
C ASN A 250 -5.74 -5.57 30.42
N LYS A 251 -6.40 -6.39 29.62
CA LYS A 251 -7.23 -5.90 28.53
C LYS A 251 -8.53 -6.69 28.48
N VAL A 252 -9.63 -6.01 28.17
CA VAL A 252 -10.95 -6.62 28.15
C VAL A 252 -11.35 -6.88 26.70
N LEU A 253 -11.78 -8.12 26.43
CA LEU A 253 -12.22 -8.50 25.09
C LEU A 253 -13.44 -7.69 24.70
N GLN A 254 -13.52 -7.35 23.40
CA GLN A 254 -14.66 -6.58 22.92
C GLN A 254 -15.40 -7.32 21.80
N ASP A 255 -14.83 -7.31 20.59
CA ASP A 255 -15.50 -7.91 19.43
C ASP A 255 -14.51 -8.81 18.68
N VAL A 256 -15.07 -9.73 17.91
CA VAL A 256 -14.31 -10.73 17.15
C VAL A 256 -14.81 -10.75 15.72
N SER A 257 -13.88 -10.84 14.77
CA SER A 257 -14.21 -10.97 13.37
C SER A 257 -13.13 -11.83 12.70
N THR A 258 -13.22 -11.94 11.37
CA THR A 258 -12.29 -12.75 10.59
C THR A 258 -11.87 -12.00 9.35
N LEU A 259 -10.56 -11.86 9.14
CA LEU A 259 -9.99 -11.34 7.91
C LEU A 259 -8.83 -12.23 7.51
N ASN A 260 -8.70 -12.47 6.20
CA ASN A 260 -7.61 -13.28 5.66
C ASN A 260 -7.59 -14.67 6.28
N ASP A 261 -8.78 -15.20 6.59
CA ASP A 261 -8.95 -16.49 7.25
C ASP A 261 -8.23 -16.53 8.59
N GLU A 262 -8.25 -15.40 9.29
CA GLU A 262 -7.62 -15.25 10.60
C GLU A 262 -8.49 -14.37 11.49
N TYR A 263 -8.40 -14.59 12.80
CA TYR A 263 -9.20 -13.83 13.74
C TYR A 263 -8.63 -12.42 13.95
N ILE A 264 -9.50 -11.43 13.90
CA ILE A 264 -9.17 -10.06 14.29
C ILE A 264 -10.04 -9.71 15.49
N VAL A 265 -9.41 -9.34 16.59
CA VAL A 265 -10.09 -9.18 17.87
C VAL A 265 -9.89 -7.76 18.37
N SER A 266 -10.97 -7.16 18.86
CA SER A 266 -10.93 -5.84 19.48
C SER A 266 -10.83 -5.98 21.00
N TYR A 267 -10.00 -5.15 21.60
CA TYR A 267 -9.79 -5.14 23.04
C TYR A 267 -9.98 -3.73 23.57
N GLY A 268 -10.11 -3.63 24.89
CA GLY A 268 -10.15 -2.35 25.57
C GLY A 268 -9.13 -2.31 26.68
N ASN A 269 -8.58 -1.11 26.90
CA ASN A 269 -7.56 -0.95 27.94
C ASN A 269 -8.10 -1.31 29.32
N ASP A 270 -9.38 -1.04 29.57
CA ASP A 270 -10.05 -1.44 30.80
C ASP A 270 -11.55 -1.41 30.54
N ASN A 271 -12.34 -1.57 31.59
CA ASN A 271 -13.79 -1.51 31.45
C ASN A 271 -14.31 -0.11 31.14
N ASN A 272 -13.45 0.91 31.25
CA ASN A 272 -13.85 2.26 30.86
C ASN A 272 -13.70 2.49 29.37
N PHE A 273 -12.92 1.67 28.67
CA PHE A 273 -12.75 1.74 27.22
C PHE A 273 -12.27 3.12 26.78
N ALA A 274 -11.18 3.58 27.41
CA ALA A 274 -10.60 4.87 27.03
C ALA A 274 -9.94 4.80 25.67
N GLU A 275 -9.30 3.67 25.35
CA GLU A 275 -8.67 3.46 24.05
C GLU A 275 -8.83 2.00 23.66
N CYS A 276 -9.04 1.76 22.37
CA CYS A 276 -9.30 0.43 21.85
C CYS A 276 -8.14 -0.05 20.99
N TYR A 277 -7.86 -1.34 21.07
CA TYR A 277 -6.79 -1.98 20.30
C TYR A 277 -7.40 -3.02 19.36
N ILE A 278 -6.73 -3.25 18.23
CA ILE A 278 -7.14 -4.27 17.28
C ILE A 278 -5.92 -5.14 16.97
N PHE A 279 -6.08 -6.45 17.15
CA PHE A 279 -4.99 -7.39 16.93
C PHE A 279 -5.33 -8.30 15.76
N PHE A 280 -4.38 -8.44 14.83
CA PHE A 280 -4.55 -9.25 13.63
C PHE A 280 -3.79 -10.56 13.84
N ASN A 281 -4.54 -11.65 13.99
CA ASN A 281 -3.97 -13.00 14.16
C ASN A 281 -3.12 -13.11 15.42
N ASN A 282 -3.37 -12.23 16.40
CA ASN A 282 -2.66 -12.20 17.68
C ASN A 282 -1.18 -11.85 17.53
N GLU A 283 -0.80 -11.15 16.46
CA GLU A 283 0.58 -10.73 16.30
C GLU A 283 0.68 -9.23 16.00
N ASN A 284 0.10 -8.78 14.90
CA ASN A 284 0.11 -7.35 14.61
C ASN A 284 -0.96 -6.63 15.42
N SER A 285 -0.75 -5.32 15.61
CA SER A 285 -1.61 -4.54 16.48
C SER A 285 -1.76 -3.11 15.96
N ILE A 286 -2.94 -2.53 16.18
CA ILE A 286 -3.25 -1.15 15.86
C ILE A 286 -3.97 -0.55 17.05
N LEU A 287 -3.55 0.64 17.48
CA LEU A 287 -4.13 1.32 18.63
C LEU A 287 -5.08 2.41 18.14
N ILE A 288 -6.34 2.34 18.59
CA ILE A 288 -7.35 3.34 18.27
C ILE A 288 -7.57 4.18 19.51
N LYS A 289 -7.42 5.49 19.36
CA LYS A 289 -7.55 6.40 20.49
C LYS A 289 -8.20 7.71 20.07
N PRO A 290 -9.47 7.95 20.44
CA PRO A 290 -10.14 9.23 20.19
C PRO A 290 -9.90 10.22 21.32
N GLY A 299 -14.07 7.95 24.24
CA GLY A 299 -14.46 6.62 24.64
C GLY A 299 -14.96 5.78 23.48
N CYS A 300 -14.24 4.70 23.18
CA CYS A 300 -14.58 3.81 22.08
C CYS A 300 -15.50 2.66 22.50
N TYR A 301 -16.39 2.90 23.46
CA TYR A 301 -17.31 1.87 23.91
C TYR A 301 -18.36 1.60 22.84
N GLY A 302 -18.68 0.32 22.66
CA GLY A 302 -19.67 -0.07 21.68
C GLY A 302 -19.16 -0.24 20.26
N GLY A 303 -17.83 -0.31 20.08
CA GLY A 303 -17.29 -0.49 18.75
C GLY A 303 -17.46 -1.93 18.27
N THR A 304 -17.73 -2.08 16.97
CA THR A 304 -18.04 -3.38 16.41
C THR A 304 -17.49 -3.46 14.99
N PHE A 305 -17.13 -4.68 14.59
CA PHE A 305 -16.64 -4.91 13.23
C PHE A 305 -17.81 -5.02 12.26
N VAL A 306 -17.61 -4.49 11.06
CA VAL A 306 -18.50 -4.71 9.92
C VAL A 306 -17.62 -5.21 8.78
N LYS A 307 -17.70 -6.50 8.48
CA LYS A 307 -16.85 -7.10 7.47
C LYS A 307 -17.33 -6.71 6.07
N ILE A 308 -16.46 -6.03 5.33
CA ILE A 308 -16.79 -5.61 3.97
C ILE A 308 -16.53 -6.75 2.96
N ASP A 309 -15.32 -7.29 2.97
CA ASP A 309 -14.98 -8.44 2.15
C ASP A 309 -14.03 -9.32 2.97
N GLU A 310 -13.35 -10.24 2.30
CA GLU A 310 -12.48 -11.17 3.02
C GLU A 310 -11.18 -10.52 3.49
N ASN A 311 -10.83 -9.36 2.94
CA ASN A 311 -9.61 -8.66 3.34
C ASN A 311 -9.87 -7.26 3.89
N ARG A 312 -11.09 -6.75 3.80
CA ARG A 312 -11.43 -5.44 4.34
C ARG A 312 -12.51 -5.58 5.40
N ALA A 313 -12.56 -4.59 6.30
CA ALA A 313 -13.54 -4.58 7.37
C ALA A 313 -13.72 -3.15 7.84
N LEU A 314 -14.69 -2.96 8.74
CA LEU A 314 -14.96 -1.68 9.36
C LEU A 314 -14.92 -1.82 10.86
N PHE A 315 -14.66 -0.70 11.54
CA PHE A 315 -14.70 -0.63 13.00
C PHE A 315 -15.45 0.66 13.35
N ILE A 316 -16.68 0.51 13.83
CA ILE A 316 -17.60 1.63 14.01
C ILE A 316 -17.91 1.78 15.50
N TYR A 317 -17.65 2.97 16.03
CA TYR A 317 -18.08 3.33 17.37
C TYR A 317 -18.54 4.79 17.35
N SER A 318 -19.07 5.24 18.48
CA SER A 318 -19.57 6.62 18.62
C SER A 318 -18.90 7.25 19.83
N SER A 319 -17.86 8.05 19.61
CA SER A 319 -17.16 8.69 20.71
C SER A 319 -18.04 9.73 21.41
N SER A 320 -19.02 10.29 20.71
CA SER A 320 -19.98 11.20 21.31
C SER A 320 -21.31 11.04 20.60
N GLN A 321 -22.32 11.77 21.07
CA GLN A 321 -23.65 11.66 20.51
C GLN A 321 -23.73 12.36 19.16
N GLY A 322 -24.29 11.67 18.18
CA GLY A 322 -24.50 12.24 16.86
C GLY A 322 -23.38 12.02 15.86
N ILE A 323 -22.32 11.32 16.23
CA ILE A 323 -21.21 11.03 15.33
C ILE A 323 -20.89 9.55 15.38
N TYR A 324 -20.13 9.10 14.38
CA TYR A 324 -19.69 7.70 14.31
C TYR A 324 -18.30 7.69 13.68
N ASN A 325 -17.30 7.37 14.49
CA ASN A 325 -15.95 7.14 13.95
C ASN A 325 -15.91 5.75 13.31
N ILE A 326 -15.72 5.71 12.00
CA ILE A 326 -15.57 4.44 11.28
C ILE A 326 -14.11 4.29 10.88
N HIS A 327 -13.53 3.16 11.23
CA HIS A 327 -12.16 2.83 10.87
C HIS A 327 -12.19 1.75 9.80
N THR A 328 -11.72 2.07 8.61
CA THR A 328 -11.69 1.13 7.50
C THR A 328 -10.34 0.42 7.52
N ILE A 329 -10.37 -0.90 7.67
CA ILE A 329 -9.17 -1.71 7.85
C ILE A 329 -8.97 -2.59 6.63
N TYR A 330 -7.72 -2.67 6.16
CA TYR A 330 -7.31 -3.65 5.17
C TYR A 330 -6.18 -4.48 5.76
N TYR A 331 -6.36 -5.80 5.78
CA TYR A 331 -5.36 -6.72 6.28
C TYR A 331 -5.12 -7.81 5.25
N ALA A 332 -3.85 -8.17 5.07
CA ALA A 332 -3.47 -9.18 4.10
C ALA A 332 -2.24 -9.92 4.58
N ASN A 333 -2.13 -11.19 4.19
CA ASN A 333 -1.01 -12.04 4.60
C ASN A 333 -0.84 -13.12 3.54
N TYR A 334 0.25 -13.05 2.78
CA TYR A 334 0.51 -14.05 1.74
C TYR A 334 1.28 -15.23 2.32
N SER B 3 -3.50 12.03 12.09
CA SER B 3 -3.12 10.62 12.02
C SER B 3 -4.32 9.76 11.66
N ARG B 4 -4.99 10.11 10.56
CA ARG B 4 -6.16 9.40 10.09
C ARG B 4 -5.84 8.37 9.01
N HIS B 5 -4.59 8.32 8.55
CA HIS B 5 -4.12 7.30 7.64
C HIS B 5 -2.89 6.65 8.26
N VAL B 6 -2.88 5.31 8.33
CA VAL B 6 -1.67 4.57 8.68
C VAL B 6 -1.49 3.45 7.67
N PHE B 7 -0.23 3.21 7.29
CA PHE B 7 0.11 2.18 6.31
C PHE B 7 1.29 1.40 6.86
N ILE B 8 1.10 0.10 7.07
CA ILE B 8 2.13 -0.77 7.60
C ILE B 8 2.28 -1.95 6.63
N ARG B 9 3.41 -2.01 5.95
CA ARG B 9 3.75 -3.12 5.07
C ARG B 9 5.07 -3.73 5.52
N THR B 10 5.08 -5.05 5.70
CA THR B 10 6.28 -5.76 6.16
C THR B 10 6.54 -6.95 5.26
N GLU B 11 7.79 -7.13 4.86
CA GLU B 11 8.21 -8.26 4.04
C GLU B 11 9.42 -8.93 4.68
N LEU B 12 9.41 -10.26 4.68
CA LEU B 12 10.49 -11.06 5.25
C LEU B 12 11.26 -11.76 4.14
N SER B 13 12.58 -11.84 4.31
CA SER B 13 13.42 -12.57 3.37
C SER B 13 14.69 -13.02 4.09
N PHE B 14 15.22 -14.16 3.67
CA PHE B 14 16.43 -14.71 4.24
C PHE B 14 17.62 -14.43 3.32
N ILE B 15 18.80 -14.34 3.92
CA ILE B 15 20.04 -14.12 3.18
C ILE B 15 21.09 -15.06 3.74
N LYS B 16 21.69 -15.88 2.88
CA LYS B 16 22.67 -16.87 3.27
C LYS B 16 24.08 -16.29 3.14
N ASN B 17 24.90 -16.47 4.18
CA ASN B 17 26.27 -16.03 4.19
C ASN B 17 27.20 -17.24 4.18
N ASN B 18 28.32 -17.11 3.47
CA ASN B 18 29.26 -18.22 3.31
C ASN B 18 30.35 -18.24 4.37
N VAL B 19 30.64 -17.12 5.01
CA VAL B 19 31.72 -17.00 5.97
C VAL B 19 31.13 -16.73 7.35
N PRO B 20 31.54 -17.46 8.38
CA PRO B 20 31.00 -17.21 9.73
C PRO B 20 31.56 -15.92 10.30
N CYS B 21 30.67 -14.99 10.64
CA CYS B 21 31.04 -13.66 11.08
C CYS B 21 30.90 -13.54 12.60
N ILE B 22 31.92 -12.98 13.24
CA ILE B 22 31.83 -12.75 14.68
C ILE B 22 31.12 -11.44 14.97
N ARG B 23 31.30 -10.42 14.13
CA ARG B 23 30.64 -9.13 14.27
C ARG B 23 30.03 -8.73 12.93
N ASP B 24 28.77 -8.34 12.95
CA ASP B 24 28.07 -7.85 11.78
C ASP B 24 27.85 -6.35 11.90
N MET B 25 28.10 -5.63 10.81
CA MET B 25 27.85 -4.20 10.74
C MET B 25 27.21 -3.90 9.39
N PHE B 26 25.93 -3.56 9.41
CA PHE B 26 25.17 -3.31 8.19
C PHE B 26 25.07 -1.81 7.92
N PHE B 27 25.15 -1.44 6.64
CA PHE B 27 24.91 -0.07 6.23
C PHE B 27 24.38 -0.08 4.81
N ILE B 28 23.54 0.90 4.50
CA ILE B 28 23.00 1.07 3.15
C ILE B 28 23.86 2.10 2.43
N TYR B 29 24.06 1.89 1.13
CA TYR B 29 24.84 2.81 0.32
C TYR B 29 24.48 2.60 -1.14
N LYS B 30 24.14 3.70 -1.83
CA LYS B 30 23.66 3.65 -3.21
C LYS B 30 22.44 2.74 -3.34
N ARG B 31 21.56 2.78 -2.35
CA ARG B 31 20.33 1.99 -2.32
C ARG B 31 20.63 0.49 -2.43
N GLU B 32 21.57 0.03 -1.61
CA GLU B 32 21.89 -1.38 -1.54
C GLU B 32 22.54 -1.68 -0.20
N LEU B 33 22.25 -2.84 0.36
CA LEU B 33 22.67 -3.19 1.72
C LEU B 33 24.06 -3.80 1.70
N TYR B 34 24.94 -3.27 2.54
CA TYR B 34 26.29 -3.77 2.68
C TYR B 34 26.50 -4.28 4.10
N ASN B 35 27.59 -5.03 4.30
CA ASN B 35 27.88 -5.62 5.60
C ASN B 35 29.39 -5.72 5.78
N ILE B 36 29.87 -5.23 6.91
CA ILE B 36 31.28 -5.32 7.28
C ILE B 36 31.41 -6.51 8.22
N CYS B 37 31.81 -7.65 7.68
CA CYS B 37 31.91 -8.90 8.44
C CYS B 37 33.36 -9.21 8.76
N LEU B 38 33.63 -9.54 10.01
CA LEU B 38 34.96 -9.96 10.44
C LEU B 38 34.92 -11.42 10.86
N ASP B 39 35.96 -12.16 10.48
CA ASP B 39 35.99 -13.61 10.62
C ASP B 39 37.33 -14.07 11.15
N ASP B 40 37.31 -14.85 12.22
CA ASP B 40 38.50 -15.48 12.77
C ASP B 40 38.08 -16.55 13.77
N LEU B 41 38.87 -17.62 13.84
CA LEU B 41 38.59 -18.70 14.78
C LEU B 41 39.85 -19.06 15.56
N ASP B 46 44.32 -20.33 10.66
CA ASP B 46 43.46 -19.32 10.04
C ASP B 46 43.78 -17.92 10.53
N GLU B 47 43.79 -16.96 9.61
CA GLU B 47 44.03 -15.57 9.92
C GLU B 47 42.71 -14.82 9.96
N THR B 48 42.68 -13.72 10.74
CA THR B 48 41.50 -12.90 10.80
C THR B 48 41.24 -12.25 9.45
N HIS B 49 39.97 -12.12 9.09
CA HIS B 49 39.55 -11.44 7.87
C HIS B 49 38.48 -10.42 8.22
N ILE B 50 38.54 -9.25 7.58
CA ILE B 50 37.49 -8.24 7.65
C ILE B 50 36.94 -8.11 6.24
N TYR B 51 35.73 -8.60 6.03
CA TYR B 51 35.11 -8.65 4.71
C TYR B 51 34.08 -7.54 4.57
N VAL B 52 34.12 -6.83 3.44
CA VAL B 52 33.05 -5.94 3.03
C VAL B 52 32.18 -6.70 2.05
N GLN B 53 30.90 -6.85 2.38
CA GLN B 53 29.98 -7.67 1.60
C GLN B 53 28.83 -6.81 1.07
N LYS B 54 28.18 -7.33 0.03
CA LYS B 54 27.11 -6.63 -0.65
C LYS B 54 25.92 -7.56 -0.81
N LYS B 55 24.72 -7.01 -0.59
CA LYS B 55 23.50 -7.80 -0.75
C LYS B 55 23.23 -8.02 -2.23
N VAL B 56 23.56 -9.20 -2.72
CA VAL B 56 23.30 -9.59 -4.11
C VAL B 56 22.36 -10.78 -4.10
N LYS B 57 21.25 -10.66 -4.83
CA LYS B 57 20.21 -11.67 -4.87
C LYS B 57 19.77 -12.09 -3.47
N ASP B 58 20.09 -13.31 -3.07
CA ASP B 58 19.65 -13.85 -1.78
C ASP B 58 20.82 -14.20 -0.87
N SER B 59 22.01 -13.69 -1.15
CA SER B 59 23.19 -14.11 -0.40
C SER B 59 24.17 -12.97 -0.23
N TRP B 60 24.95 -13.03 0.85
CA TRP B 60 26.07 -12.12 1.03
C TRP B 60 27.25 -12.58 0.17
N ILE B 61 27.79 -11.68 -0.62
CA ILE B 61 28.97 -11.94 -1.44
C ILE B 61 30.09 -11.03 -0.97
N THR B 62 31.26 -11.61 -0.75
CA THR B 62 32.42 -10.83 -0.33
C THR B 62 32.94 -9.99 -1.49
N LEU B 63 33.33 -8.75 -1.18
CA LEU B 63 33.90 -7.85 -2.18
C LEU B 63 35.41 -7.73 -2.06
N ASN B 64 35.92 -7.44 -0.85
CA ASN B 64 37.35 -7.41 -0.62
C ASN B 64 37.61 -7.59 0.87
N ASP B 65 38.86 -7.91 1.19
CA ASP B 65 39.31 -8.13 2.56
C ASP B 65 40.16 -6.94 2.97
N LEU B 66 39.61 -6.11 3.87
CA LEU B 66 40.35 -4.93 4.32
C LEU B 66 41.55 -5.32 5.18
N PHE B 67 41.48 -6.47 5.86
CA PHE B 67 42.58 -6.90 6.70
C PHE B 67 43.78 -7.41 5.89
N LYS B 68 43.62 -7.64 4.59
CA LYS B 68 44.75 -8.05 3.77
C LYS B 68 45.76 -6.91 3.60
N GLU B 69 45.28 -5.69 3.46
CA GLU B 69 46.14 -4.53 3.22
C GLU B 69 46.64 -3.88 4.50
N THR B 70 46.58 -4.58 5.63
CA THR B 70 47.10 -4.06 6.88
C THR B 70 47.58 -5.21 7.74
N ASP B 71 48.53 -4.93 8.62
CA ASP B 71 49.13 -5.92 9.50
C ASP B 71 48.81 -5.54 10.95
N LEU B 72 47.86 -6.25 11.55
CA LEU B 72 47.51 -6.07 12.95
C LEU B 72 47.34 -7.44 13.60
N THR B 73 47.18 -7.42 14.92
CA THR B 73 46.95 -8.63 15.70
C THR B 73 45.60 -8.54 16.38
N GLY B 74 44.90 -9.67 16.47
CA GLY B 74 43.57 -9.67 17.08
C GLY B 74 42.51 -9.19 16.11
N ARG B 75 41.47 -8.57 16.67
CA ARG B 75 40.36 -8.05 15.87
C ARG B 75 40.19 -6.57 16.19
N PRO B 76 40.16 -5.70 15.19
CA PRO B 76 40.18 -4.26 15.44
C PRO B 76 38.80 -3.66 15.65
N HIS B 77 38.81 -2.42 16.13
CA HIS B 77 37.61 -1.60 16.15
C HIS B 77 37.32 -1.08 14.75
N ILE B 78 36.09 -1.28 14.28
CA ILE B 78 35.70 -0.88 12.93
C ILE B 78 34.78 0.32 13.04
N PHE B 79 35.24 1.45 12.49
CA PHE B 79 34.46 2.69 12.46
C PHE B 79 34.17 3.02 11.00
N ALA B 80 32.94 2.78 10.58
CA ALA B 80 32.52 3.04 9.20
C ALA B 80 31.62 4.27 9.15
N TYR B 81 31.72 5.00 8.04
CA TYR B 81 30.92 6.18 7.81
C TYR B 81 30.42 6.16 6.37
N VAL B 82 29.17 6.54 6.16
CA VAL B 82 28.55 6.57 4.85
C VAL B 82 28.09 7.98 4.56
N ASP B 83 28.54 8.53 3.44
CA ASP B 83 28.07 9.81 2.93
C ASP B 83 27.22 9.55 1.69
N VAL B 84 26.94 10.61 0.93
CA VAL B 84 26.13 10.44 -0.26
C VAL B 84 26.92 9.79 -1.38
N GLU B 85 28.25 10.00 -1.42
CA GLU B 85 29.05 9.51 -2.54
C GLU B 85 30.39 8.91 -2.12
N GLU B 86 30.53 8.47 -0.88
CA GLU B 86 31.81 7.93 -0.43
C GLU B 86 31.63 7.11 0.84
N ILE B 87 32.60 6.22 1.06
CA ILE B 87 32.66 5.38 2.26
C ILE B 87 34.05 5.51 2.87
N ILE B 88 34.10 5.54 4.20
CA ILE B 88 35.36 5.63 4.93
C ILE B 88 35.32 4.68 6.12
N ILE B 89 36.34 3.83 6.24
CA ILE B 89 36.43 2.84 7.31
C ILE B 89 37.80 2.94 7.97
N LEU B 90 37.82 2.85 9.29
CA LEU B 90 39.05 2.87 10.08
C LEU B 90 39.21 1.56 10.83
N LEU B 91 40.45 1.25 11.21
CA LEU B 91 40.78 -0.01 11.89
C LEU B 91 41.84 0.26 12.97
N CYS B 92 41.38 0.50 14.19
CA CYS B 92 42.26 0.66 15.34
C CYS B 92 42.28 -0.62 16.18
N GLU B 93 43.38 -0.84 16.88
CA GLU B 93 43.52 -2.03 17.70
C GLU B 93 42.86 -1.83 19.06
N ASP B 94 42.52 -2.94 19.70
CA ASP B 94 41.87 -2.94 21.01
C ASP B 94 42.90 -3.06 22.12
N GLU B 95 42.50 -2.69 23.33
CA GLU B 95 43.37 -2.78 24.50
C GLU B 95 43.50 -4.23 24.97
N PHE B 97 42.04 -8.04 28.17
CA PHE B 97 42.48 -6.67 28.38
C PHE B 97 43.99 -6.58 28.55
N SER B 98 44.56 -5.49 28.07
CA SER B 98 45.99 -5.23 28.21
C SER B 98 46.19 -3.72 28.28
N ASN B 99 47.44 -3.33 28.52
CA ASN B 99 47.76 -1.91 28.55
C ASN B 99 47.58 -1.31 27.16
N ARG B 100 47.20 -0.03 27.11
CA ARG B 100 47.01 0.68 25.86
C ARG B 100 48.17 1.64 25.62
N LYS B 101 48.52 1.81 24.35
CA LYS B 101 49.63 2.67 23.97
C LYS B 101 49.28 4.14 24.21
N LYS B 102 50.25 5.00 23.94
CA LYS B 102 50.05 6.44 24.09
C LYS B 102 49.26 7.02 22.93
N ASP B 103 49.54 6.58 21.72
CA ASP B 103 48.84 7.04 20.52
C ASP B 103 48.02 5.90 19.94
N MET B 104 46.87 6.25 19.36
CA MET B 104 45.99 5.29 18.72
C MET B 104 46.26 5.31 17.22
N THR B 105 46.60 4.15 16.67
CA THR B 105 46.95 4.00 15.26
C THR B 105 45.87 3.23 14.54
N CYS B 106 45.06 3.92 13.74
CA CYS B 106 44.09 3.30 12.86
C CYS B 106 44.67 3.12 11.46
N HIS B 107 43.98 2.31 10.66
CA HIS B 107 44.27 2.21 9.23
C HIS B 107 43.01 2.58 8.47
N ARG B 108 43.13 3.53 7.55
CA ARG B 108 41.99 4.16 6.90
C ARG B 108 41.75 3.57 5.53
N PHE B 109 40.47 3.37 5.20
CA PHE B 109 40.05 2.97 3.87
C PHE B 109 39.03 3.98 3.34
N TYR B 110 39.06 4.19 2.02
CA TYR B 110 38.20 5.19 1.40
C TYR B 110 37.94 4.82 -0.05
N SER B 111 36.72 5.08 -0.51
CA SER B 111 36.36 4.91 -1.91
C SER B 111 35.01 5.56 -2.15
N ASN B 112 34.69 5.76 -3.43
CA ASN B 112 33.38 6.26 -3.84
C ASN B 112 32.38 5.13 -4.04
N ASP B 113 32.79 4.07 -4.73
CA ASP B 113 31.99 2.86 -4.83
C ASP B 113 32.58 1.78 -3.92
N GLY B 114 31.71 0.95 -3.37
CA GLY B 114 32.10 -0.01 -2.35
C GLY B 114 32.98 -1.14 -2.81
N LYS B 115 33.34 -1.20 -4.10
CA LYS B 115 34.13 -2.32 -4.61
C LYS B 115 35.56 -2.27 -4.10
N GLU B 116 36.33 -1.28 -4.54
CA GLU B 116 37.75 -1.20 -4.21
C GLU B 116 38.05 0.11 -3.50
N TYR B 117 38.71 0.02 -2.35
CA TYR B 117 39.14 1.17 -1.56
C TYR B 117 40.65 1.34 -1.64
N ASN B 118 41.11 2.55 -1.34
CA ASN B 118 42.52 2.80 -1.09
C ASN B 118 42.76 2.89 0.41
N ASN B 119 44.01 2.73 0.81
CA ASN B 119 44.35 2.65 2.22
C ASN B 119 45.54 3.54 2.55
N ALA B 120 45.59 3.98 3.79
CA ALA B 120 46.69 4.80 4.30
C ALA B 120 46.65 4.77 5.82
N GLU B 121 47.79 4.48 6.44
CA GLU B 121 47.84 4.42 7.89
C GLU B 121 47.70 5.81 8.50
N ILE B 122 46.89 5.91 9.54
CA ILE B 122 46.66 7.16 10.26
C ILE B 122 47.15 6.98 11.69
N THR B 123 47.74 8.04 12.24
CA THR B 123 48.15 8.07 13.64
C THR B 123 47.49 9.25 14.32
N ILE B 124 46.84 9.00 15.45
CA ILE B 124 46.22 10.04 16.26
C ILE B 124 47.07 10.18 17.52
N SER B 125 47.92 11.20 17.55
CA SER B 125 48.85 11.38 18.66
C SER B 125 48.12 11.93 19.88
N ASP B 126 48.44 11.35 21.05
CA ASP B 126 47.91 11.82 22.33
C ASP B 126 46.39 11.87 22.31
N TYR B 127 45.77 10.84 21.73
CA TYR B 127 44.34 10.88 21.49
C TYR B 127 43.57 10.94 22.81
N ILE B 128 42.60 11.86 22.87
CA ILE B 128 41.90 12.16 24.12
C ILE B 128 40.98 11.02 24.56
N LEU B 129 40.71 10.06 23.69
CA LEU B 129 39.85 8.93 24.06
C LEU B 129 40.59 7.83 24.81
N LYS B 130 41.82 8.10 25.27
CA LYS B 130 42.47 7.17 26.19
C LYS B 130 41.64 7.06 27.46
N ASP B 131 41.77 5.91 28.13
CA ASP B 131 41.00 5.59 29.33
C ASP B 131 39.49 5.60 29.07
N LYS B 132 39.08 5.46 27.81
CA LYS B 132 37.69 5.36 27.43
C LYS B 132 37.43 4.01 26.77
N LEU B 133 36.16 3.63 26.72
CA LEU B 133 35.75 2.39 26.08
C LEU B 133 35.20 2.70 24.68
N LEU B 134 35.85 2.13 23.67
CA LEU B 134 35.44 2.30 22.28
C LEU B 134 34.73 1.05 21.79
N SER B 135 33.80 1.24 20.85
CA SER B 135 33.05 0.13 20.28
C SER B 135 32.88 0.36 18.79
N SER B 136 32.87 -0.74 18.04
CA SER B 136 32.67 -0.65 16.60
C SER B 136 31.23 -0.27 16.29
N TYR B 137 31.05 0.61 15.32
CA TYR B 137 29.72 1.00 14.88
C TYR B 137 29.80 1.58 13.47
N VAL B 138 28.63 1.77 12.87
CA VAL B 138 28.48 2.49 11.62
C VAL B 138 27.78 3.81 11.92
N SER B 139 28.24 4.89 11.29
CA SER B 139 27.73 6.21 11.57
C SER B 139 27.56 6.96 10.25
N LEU B 140 27.27 8.26 10.35
CA LEU B 140 27.08 9.12 9.20
C LEU B 140 27.39 10.56 9.64
N PRO B 141 27.76 11.44 8.70
CA PRO B 141 28.22 12.77 9.10
C PRO B 141 27.17 13.53 9.90
N LEU B 142 27.65 14.32 10.87
CA LEU B 142 26.82 15.18 11.68
C LEU B 142 27.12 16.63 11.32
N LYS B 143 26.11 17.35 10.83
CA LYS B 143 26.29 18.72 10.36
C LYS B 143 26.11 19.68 11.53
N ILE B 144 27.20 20.34 11.91
CA ILE B 144 27.19 21.35 12.97
C ILE B 144 27.64 22.66 12.34
N GLU B 145 26.69 23.57 12.10
CA GLU B 145 26.97 24.88 11.53
C GLU B 145 27.60 24.75 10.14
N ASN B 146 26.87 24.07 9.25
CA ASN B 146 27.22 23.95 7.84
C ASN B 146 28.53 23.19 7.62
N ARG B 147 28.83 22.21 8.45
CA ARG B 147 30.07 21.44 8.29
C ARG B 147 29.86 20.01 8.76
N GLU B 148 30.24 19.06 7.90
CA GLU B 148 30.10 17.64 8.21
C GLU B 148 31.21 17.18 9.15
N TYR B 149 30.84 16.37 10.13
CA TYR B 149 31.78 15.84 11.11
C TYR B 149 31.64 14.33 11.20
N PHE B 150 32.77 13.63 11.18
CA PHE B 150 32.83 12.23 11.52
C PHE B 150 33.20 12.10 12.99
N LEU B 151 32.57 11.16 13.69
CA LEU B 151 32.69 11.06 15.13
C LEU B 151 33.24 9.69 15.54
N ILE B 152 34.21 9.71 16.44
CA ILE B 152 34.64 8.53 17.18
C ILE B 152 34.37 8.80 18.65
N CYS B 153 33.47 8.03 19.25
CA CYS B 153 32.98 8.30 20.59
C CYS B 153 33.37 7.18 21.54
N GLY B 154 33.79 7.57 22.75
CA GLY B 154 34.09 6.61 23.80
C GLY B 154 33.36 6.96 25.05
N VAL B 155 33.27 5.98 25.96
CA VAL B 155 32.55 6.14 27.22
C VAL B 155 33.43 5.63 28.35
N SER B 156 33.27 6.24 29.51
CA SER B 156 33.97 5.79 30.71
C SER B 156 33.46 4.42 31.11
N PRO B 157 34.32 3.39 31.20
CA PRO B 157 33.81 2.04 31.47
C PRO B 157 33.20 1.89 32.85
N TYR B 158 33.63 2.71 33.81
CA TYR B 158 33.28 2.56 35.21
C TYR B 158 33.82 3.76 35.96
N LYS B 159 33.00 4.32 36.86
CA LYS B 159 33.41 5.46 37.68
C LYS B 159 33.06 5.17 39.12
N PHE B 160 34.08 4.92 39.95
CA PHE B 160 33.85 4.64 41.37
C PHE B 160 33.67 5.91 42.16
N LYS B 161 34.50 6.92 41.92
CA LYS B 161 34.41 8.19 42.63
C LYS B 161 33.36 9.08 41.99
N ASP B 162 33.33 10.36 42.39
CA ASP B 162 32.44 11.37 41.83
C ASP B 162 33.24 12.66 41.68
N ASP B 163 34.18 12.66 40.72
CA ASP B 163 35.03 13.82 40.53
C ASP B 163 34.28 14.97 39.87
N ASN B 164 33.70 14.73 38.70
CA ASN B 164 32.96 15.76 37.98
C ASN B 164 32.04 15.09 36.97
N LYS B 165 31.10 15.89 36.45
CA LYS B 165 30.20 15.45 35.39
C LYS B 165 30.82 15.65 34.01
N LYS B 166 32.09 16.00 33.93
CA LYS B 166 32.75 16.28 32.66
C LYS B 166 33.35 15.02 32.07
N ASP B 167 33.33 14.94 30.74
CA ASP B 167 34.04 13.93 29.96
C ASP B 167 33.57 12.51 30.27
N ASP B 168 32.39 12.35 30.85
CA ASP B 168 31.81 11.01 31.01
C ASP B 168 31.68 10.33 29.66
N ILE B 169 31.12 11.04 28.67
CA ILE B 169 31.09 10.62 27.28
C ILE B 169 31.93 11.60 26.49
N LEU B 170 32.90 11.09 25.74
CA LEU B 170 33.86 11.93 25.02
C LEU B 170 33.95 11.45 23.58
N CYS B 171 33.93 12.39 22.64
CA CYS B 171 33.96 12.07 21.22
C CYS B 171 35.03 12.88 20.51
N MET B 172 35.75 12.21 19.61
CA MET B 172 36.61 12.90 18.65
C MET B 172 35.82 13.19 17.38
N ALA B 173 36.13 14.30 16.74
CA ALA B 173 35.44 14.72 15.53
C ALA B 173 36.45 14.93 14.40
N SER B 174 35.96 14.80 13.18
CA SER B 174 36.78 14.99 11.98
C SER B 174 35.93 15.64 10.90
N HIS B 175 36.35 16.82 10.45
CA HIS B 175 35.70 17.51 9.34
C HIS B 175 36.43 17.30 8.03
N ASP B 176 37.37 16.36 7.98
CA ASP B 176 38.17 16.09 6.80
C ASP B 176 38.08 14.62 6.40
N LYS B 177 36.86 14.07 6.45
CA LYS B 177 36.55 12.70 6.04
C LYS B 177 37.35 11.66 6.82
N GLY B 178 37.90 12.02 7.97
CA GLY B 178 38.53 11.06 8.84
C GLY B 178 40.00 10.82 8.62
N GLU B 179 40.77 11.88 8.38
CA GLU B 179 42.22 11.77 8.32
C GLU B 179 42.93 12.46 9.47
N THR B 180 42.39 13.56 9.98
CA THR B 180 42.88 14.20 11.20
C THR B 180 41.71 14.37 12.16
N TRP B 181 41.94 14.04 13.42
CA TRP B 181 40.90 14.04 14.45
C TRP B 181 41.24 14.99 15.59
N GLY B 182 41.72 16.18 15.26
CA GLY B 182 42.05 17.17 16.28
C GLY B 182 40.83 17.79 16.92
N THR B 183 39.66 17.69 16.28
CA THR B 183 38.43 18.24 16.83
C THR B 183 37.80 17.26 17.81
N LYS B 184 37.33 17.77 18.95
CA LYS B 184 36.64 16.96 19.94
C LYS B 184 35.25 17.54 20.22
N ILE B 185 34.33 16.66 20.61
CA ILE B 185 32.95 17.02 20.90
C ILE B 185 32.69 16.78 22.37
N VAL B 186 32.12 17.78 23.04
CA VAL B 186 31.82 17.69 24.46
C VAL B 186 30.38 17.23 24.64
N ILE B 187 30.19 16.14 25.37
CA ILE B 187 28.88 15.55 25.62
C ILE B 187 28.58 15.70 27.10
N LYS B 188 27.65 16.59 27.43
CA LYS B 188 27.27 16.86 28.82
C LYS B 188 26.14 15.91 29.20
N TYR B 189 26.46 14.88 29.98
CA TYR B 189 25.49 13.88 30.42
C TYR B 189 25.51 13.87 31.95
N ASP B 190 24.48 14.45 32.56
CA ASP B 190 24.44 14.57 34.01
C ASP B 190 24.06 13.28 34.70
N ASN B 191 23.18 12.48 34.09
CA ASN B 191 22.67 11.27 34.72
C ASN B 191 23.58 10.07 34.45
N TYR B 192 24.86 10.23 34.77
CA TYR B 192 25.83 9.15 34.69
C TYR B 192 25.89 8.45 36.04
N LYS B 193 25.55 7.16 36.04
CA LYS B 193 25.46 6.41 37.29
C LYS B 193 26.84 6.04 37.80
N LEU B 194 26.97 5.99 39.12
CA LEU B 194 28.22 5.64 39.78
C LEU B 194 28.20 4.18 40.20
N GLY B 195 29.37 3.54 40.17
CA GLY B 195 29.47 2.13 40.48
C GLY B 195 28.86 1.21 39.45
N VAL B 196 28.58 1.70 38.25
CA VAL B 196 27.93 0.92 37.20
C VAL B 196 28.86 0.82 36.00
N GLN B 197 28.82 -0.32 35.33
CA GLN B 197 29.63 -0.55 34.13
C GLN B 197 28.84 -0.12 32.88
N TYR B 198 29.58 0.35 31.87
CA TYR B 198 28.99 0.81 30.62
C TYR B 198 29.57 0.01 29.46
N PHE B 199 28.72 -0.28 28.47
CA PHE B 199 29.12 -1.06 27.31
C PHE B 199 28.54 -0.46 26.04
N PHE B 200 29.26 -0.67 24.93
CA PHE B 200 28.75 -0.47 23.57
C PHE B 200 28.12 0.91 23.39
N LEU B 201 28.96 1.94 23.47
CA LEU B 201 28.52 3.29 23.16
C LEU B 201 28.57 3.50 21.66
N ARG B 202 27.41 3.76 21.05
CA ARG B 202 27.33 3.97 19.61
C ARG B 202 26.47 5.19 19.33
N PRO B 203 26.95 6.12 18.49
CA PRO B 203 26.13 7.30 18.16
C PRO B 203 25.11 6.98 17.09
N TYR B 204 23.87 7.40 17.32
CA TYR B 204 22.78 7.25 16.36
C TYR B 204 22.41 8.64 15.85
N ILE B 205 22.82 8.95 14.62
CA ILE B 205 22.51 10.21 13.98
C ILE B 205 21.35 9.99 13.02
N SER B 206 20.24 10.68 13.25
CA SER B 206 19.07 10.60 12.38
C SER B 206 18.47 11.99 12.27
N LYS B 207 18.32 12.48 11.04
CA LYS B 207 17.84 13.84 10.77
C LYS B 207 18.74 14.87 11.44
N ASN B 208 20.05 14.63 11.36
CA ASN B 208 21.07 15.57 11.87
C ASN B 208 20.94 15.80 13.37
N ASP B 209 20.39 14.83 14.10
CA ASP B 209 20.30 14.88 15.55
C ASP B 209 21.22 13.83 16.14
N LEU B 210 22.05 14.24 17.10
CA LEU B 210 22.96 13.30 17.75
C LEU B 210 22.25 12.59 18.88
N SER B 211 22.37 11.26 18.90
CA SER B 211 21.82 10.44 19.97
C SER B 211 22.76 9.27 20.21
N PHE B 212 22.72 8.72 21.42
CA PHE B 212 23.62 7.64 21.80
C PHE B 212 22.83 6.45 22.32
N HIS B 213 23.31 5.26 21.97
CA HIS B 213 22.68 4.00 22.34
C HIS B 213 23.73 3.13 23.00
N PHE B 214 23.47 2.69 24.23
CA PHE B 214 24.47 1.96 24.99
C PHE B 214 23.77 1.07 26.02
N TYR B 215 24.56 0.15 26.59
CA TYR B 215 24.10 -0.77 27.62
C TYR B 215 24.75 -0.40 28.95
N VAL B 216 23.98 -0.48 30.03
CA VAL B 216 24.48 -0.29 31.37
C VAL B 216 24.27 -1.59 32.14
N GLY B 217 25.22 -1.90 33.02
CA GLY B 217 25.14 -3.13 33.78
C GLY B 217 24.43 -2.95 35.11
N ASP B 218 23.30 -3.64 35.27
CA ASP B 218 22.59 -3.66 36.54
C ASP B 218 23.16 -4.77 37.40
N ASN B 219 23.72 -4.41 38.55
CA ASN B 219 24.41 -5.38 39.40
C ASN B 219 23.49 -6.10 40.38
N ILE B 220 22.32 -5.52 40.68
CA ILE B 220 21.38 -6.21 41.57
C ILE B 220 20.46 -7.17 40.82
N ASN B 221 20.30 -7.00 39.51
CA ASN B 221 19.51 -7.91 38.69
C ASN B 221 20.36 -8.72 37.73
N ASN B 222 21.66 -8.45 37.64
CA ASN B 222 22.58 -9.19 36.79
C ASN B 222 22.10 -9.20 35.34
N VAL B 223 21.91 -7.99 34.81
CA VAL B 223 21.39 -7.81 33.46
C VAL B 223 21.99 -6.52 32.89
N LYS B 224 22.13 -6.48 31.57
CA LYS B 224 22.65 -5.32 30.85
C LYS B 224 21.48 -4.67 30.13
N ASN B 225 21.05 -3.50 30.60
CA ASN B 225 19.87 -2.83 30.09
C ASN B 225 20.26 -1.73 29.10
N VAL B 226 19.48 -1.62 28.02
CA VAL B 226 19.72 -0.59 27.02
C VAL B 226 19.33 0.77 27.60
N ASN B 227 20.18 1.77 27.36
CA ASN B 227 19.86 3.16 27.64
C ASN B 227 19.97 3.95 26.35
N PHE B 228 19.06 4.90 26.15
CA PHE B 228 19.04 5.72 24.95
C PHE B 228 18.92 7.18 25.36
N ILE B 229 19.93 7.97 25.02
CA ILE B 229 19.96 9.40 25.32
C ILE B 229 19.92 10.18 24.02
N GLU B 230 19.17 11.27 24.02
CA GLU B 230 19.08 12.17 22.87
C GLU B 230 19.74 13.49 23.22
N CYS B 231 20.59 13.98 22.32
CA CYS B 231 21.41 15.15 22.57
C CYS B 231 20.92 16.32 21.73
N THR B 232 20.71 17.46 22.38
CA THR B 232 20.32 18.69 21.70
C THR B 232 21.48 19.68 21.78
N HIS B 233 21.84 20.24 20.62
CA HIS B 233 22.96 21.18 20.55
C HIS B 233 22.64 22.44 21.35
N GLU B 234 23.66 22.96 22.04
CA GLU B 234 23.52 24.21 22.76
C GLU B 234 24.32 25.32 22.09
N LYS B 235 25.61 25.41 22.42
CA LYS B 235 26.47 26.43 21.85
C LYS B 235 27.76 25.81 21.34
N ASP B 236 28.24 26.29 20.19
CA ASP B 236 29.50 25.88 19.61
C ASP B 236 29.53 24.36 19.41
N LEU B 237 30.48 23.68 20.05
CA LEU B 237 30.59 22.23 19.93
C LEU B 237 30.27 21.50 21.24
N GLU B 238 29.59 22.16 22.18
CA GLU B 238 29.13 21.51 23.39
C GLU B 238 27.76 20.89 23.16
N PHE B 239 27.51 19.74 23.79
CA PHE B 239 26.25 19.03 23.64
C PHE B 239 25.69 18.65 25.00
N VAL B 240 24.37 18.71 25.12
CA VAL B 240 23.66 18.33 26.34
C VAL B 240 22.70 17.20 26.00
N CYS B 241 22.75 16.12 26.78
CA CYS B 241 21.97 14.93 26.52
C CYS B 241 21.17 14.54 27.75
N SER B 242 20.04 13.88 27.51
CA SER B 242 19.16 13.42 28.57
C SER B 242 18.59 12.06 28.19
N ASN B 243 18.27 11.26 29.22
CA ASN B 243 17.69 9.96 28.98
C ASN B 243 16.30 10.10 28.35
N ARG B 244 15.83 9.00 27.76
CA ARG B 244 14.51 8.95 27.16
C ARG B 244 13.84 7.65 27.59
N ASP B 245 12.63 7.76 28.14
CA ASP B 245 11.91 6.61 28.67
C ASP B 245 11.32 5.80 27.52
N PHE B 246 11.84 4.59 27.32
CA PHE B 246 11.29 3.65 26.35
C PHE B 246 10.91 2.32 27.00
N LEU B 247 10.84 2.27 28.34
CA LEU B 247 10.63 1.01 29.03
C LEU B 247 9.17 0.55 28.93
N LYS B 248 9.00 -0.75 28.73
CA LYS B 248 7.70 -1.41 28.78
C LYS B 248 7.79 -2.57 29.74
N ASP B 249 6.72 -2.80 30.50
CA ASP B 249 6.71 -3.91 31.45
C ASP B 249 6.70 -5.24 30.70
N ASN B 250 7.43 -6.22 31.25
CA ASN B 250 7.55 -7.56 30.69
C ASN B 250 8.11 -7.56 29.27
N LYS B 251 8.80 -6.49 28.89
CA LYS B 251 9.42 -6.38 27.58
C LYS B 251 10.80 -5.74 27.73
N VAL B 252 11.78 -6.28 27.00
CA VAL B 252 13.17 -5.87 27.14
C VAL B 252 13.53 -4.97 25.97
N LEU B 253 13.92 -3.73 26.27
CA LEU B 253 14.31 -2.79 25.24
C LEU B 253 15.49 -3.32 24.44
N GLN B 254 15.44 -3.14 23.12
CA GLN B 254 16.47 -3.69 22.25
C GLN B 254 17.17 -2.58 21.46
N ASP B 255 16.54 -2.11 20.39
CA ASP B 255 17.13 -1.07 19.56
C ASP B 255 16.10 0.02 19.27
N VAL B 256 16.61 1.18 18.84
CA VAL B 256 15.80 2.37 18.61
C VAL B 256 16.16 2.94 17.24
N SER B 257 15.15 3.36 16.49
CA SER B 257 15.35 4.07 15.23
C SER B 257 14.20 5.06 15.07
N THR B 258 14.12 5.67 13.89
CA THR B 258 13.10 6.68 13.60
C THR B 258 12.50 6.43 12.23
N LEU B 259 11.16 6.50 12.15
CA LEU B 259 10.44 6.47 10.89
C LEU B 259 9.27 7.44 11.00
N ASN B 260 9.03 8.18 9.92
CA ASN B 260 7.89 9.09 9.83
C ASN B 260 7.95 10.16 10.92
N ASP B 261 9.17 10.63 11.20
CA ASP B 261 9.42 11.69 12.20
C ASP B 261 8.94 11.30 13.59
N GLU B 262 9.03 10.01 13.92
CA GLU B 262 8.69 9.52 15.24
C GLU B 262 9.47 8.25 15.52
N TYR B 263 9.63 7.93 16.80
CA TYR B 263 10.46 6.80 17.19
C TYR B 263 9.78 5.48 16.85
N ILE B 264 10.60 4.52 16.38
CA ILE B 264 10.24 3.12 16.35
C ILE B 264 11.22 2.36 17.24
N VAL B 265 10.72 1.39 17.98
CA VAL B 265 11.53 0.69 18.98
C VAL B 265 11.22 -0.80 18.91
N SER B 266 12.23 -1.61 19.20
CA SER B 266 12.10 -3.05 19.24
C SER B 266 12.27 -3.55 20.67
N TYR B 267 11.43 -4.51 21.06
CA TYR B 267 11.49 -5.11 22.39
C TYR B 267 11.57 -6.62 22.26
N GLY B 268 12.12 -7.25 23.30
CA GLY B 268 12.13 -8.70 23.42
C GLY B 268 11.15 -9.12 24.49
N ASN B 269 10.61 -10.34 24.35
CA ASN B 269 9.64 -10.83 25.32
C ASN B 269 10.29 -11.04 26.69
N ASP B 270 11.48 -11.62 26.71
CA ASP B 270 12.27 -11.74 27.93
C ASP B 270 13.74 -11.66 27.56
N ASN B 271 14.61 -12.03 28.50
CA ASN B 271 16.05 -11.99 28.23
C ASN B 271 16.48 -13.00 27.18
N ASN B 272 15.66 -14.02 26.91
CA ASN B 272 15.99 -15.01 25.90
C ASN B 272 15.67 -14.53 24.49
N PHE B 273 14.86 -13.48 24.35
CA PHE B 273 14.50 -12.90 23.05
C PHE B 273 13.93 -13.96 22.12
N ALA B 274 12.99 -14.75 22.65
CA ALA B 274 12.32 -15.75 21.83
C ALA B 274 11.51 -15.09 20.71
N GLU B 275 10.77 -14.04 21.04
CA GLU B 275 10.06 -13.24 20.06
C GLU B 275 10.38 -11.77 20.26
N CYS B 276 10.11 -10.98 19.23
CA CYS B 276 10.43 -9.56 19.23
C CYS B 276 9.21 -8.73 18.86
N TYR B 277 9.06 -7.59 19.50
CA TYR B 277 7.97 -6.65 19.28
C TYR B 277 8.53 -5.34 18.77
N ILE B 278 7.98 -4.83 17.67
CA ILE B 278 8.40 -3.56 17.08
C ILE B 278 7.23 -2.58 17.19
N PHE B 279 7.43 -1.50 17.93
CA PHE B 279 6.40 -0.52 18.20
C PHE B 279 6.66 0.76 17.41
N PHE B 280 5.66 1.21 16.64
CA PHE B 280 5.75 2.42 15.86
C PHE B 280 5.04 3.53 16.64
N ASN B 281 5.81 4.52 17.09
CA ASN B 281 5.30 5.68 17.82
C ASN B 281 4.58 5.29 19.11
N ASN B 282 4.91 4.11 19.65
CA ASN B 282 4.31 3.58 20.87
C ASN B 282 2.80 3.34 20.74
N GLU B 283 2.32 3.21 19.50
CA GLU B 283 0.90 3.02 19.23
C GLU B 283 0.62 1.71 18.53
N ASN B 284 1.19 1.48 17.35
CA ASN B 284 1.01 0.23 16.62
C ASN B 284 2.24 -0.65 16.78
N SER B 285 2.03 -1.96 16.63
CA SER B 285 3.10 -2.93 16.85
C SER B 285 2.97 -4.10 15.90
N ILE B 286 4.12 -4.61 15.47
CA ILE B 286 4.20 -5.86 14.72
C ILE B 286 5.02 -6.84 15.54
N LEU B 287 4.71 -8.13 15.36
CA LEU B 287 5.34 -9.20 16.12
C LEU B 287 6.27 -10.01 15.24
N ILE B 288 7.53 -10.13 15.67
CA ILE B 288 8.54 -10.88 14.94
C ILE B 288 8.69 -12.23 15.62
N LYS B 289 8.31 -13.30 14.93
CA LYS B 289 8.43 -14.66 15.44
C LYS B 289 9.37 -15.48 14.55
N PRO B 290 10.62 -15.71 14.97
CA PRO B 290 11.54 -16.46 14.11
C PRO B 290 11.21 -17.94 14.00
N GLU B 291 10.55 -18.53 15.01
CA GLU B 291 10.24 -19.95 14.99
C GLU B 291 9.16 -20.28 13.97
N LYS B 292 9.41 -19.99 12.69
CA LYS B 292 8.48 -20.30 11.62
C LYS B 292 9.21 -20.53 10.30
N THR B 296 13.57 -25.26 15.34
CA THR B 296 14.38 -24.49 14.42
C THR B 296 15.55 -23.82 15.12
N ALA B 297 15.47 -23.74 16.46
CA ALA B 297 16.52 -23.16 17.29
C ALA B 297 16.85 -21.73 16.86
N ALA B 298 15.82 -20.94 16.61
CA ALA B 298 15.97 -19.58 16.12
C ALA B 298 15.54 -18.57 17.16
N GLY B 299 16.17 -17.39 17.13
CA GLY B 299 15.83 -16.32 18.04
C GLY B 299 16.25 -14.99 17.47
N CYS B 300 15.46 -13.96 17.77
CA CYS B 300 15.71 -12.61 17.27
C CYS B 300 16.69 -11.82 18.14
N TYR B 301 17.64 -12.50 18.78
CA TYR B 301 18.61 -11.81 19.62
C TYR B 301 19.57 -11.01 18.76
N GLY B 302 19.94 -9.82 19.26
CA GLY B 302 20.81 -8.94 18.51
C GLY B 302 20.17 -8.32 17.29
N GLY B 303 18.84 -8.22 17.27
CA GLY B 303 18.17 -7.56 16.16
C GLY B 303 18.46 -6.08 16.15
N THR B 304 18.79 -5.54 14.97
CA THR B 304 19.15 -4.15 14.83
C THR B 304 18.42 -3.53 13.65
N PHE B 305 18.00 -2.27 13.82
CA PHE B 305 17.38 -1.53 12.75
C PHE B 305 18.42 -0.96 11.79
N VAL B 306 18.09 -0.96 10.50
CA VAL B 306 18.85 -0.25 9.48
C VAL B 306 17.83 0.46 8.58
N LYS B 307 17.82 1.78 8.61
CA LYS B 307 16.79 2.54 7.91
C LYS B 307 17.26 2.91 6.50
N ILE B 308 16.34 2.77 5.55
CA ILE B 308 16.62 3.02 4.14
C ILE B 308 16.25 4.47 3.81
N ASP B 309 15.01 4.84 4.06
CA ASP B 309 14.56 6.21 3.94
C ASP B 309 13.75 6.53 5.19
N GLU B 310 12.97 7.61 5.15
CA GLU B 310 12.23 8.04 6.33
C GLU B 310 10.97 7.23 6.55
N ASN B 311 10.45 6.56 5.51
CA ASN B 311 9.26 5.73 5.63
C ASN B 311 9.57 4.24 5.46
N ARG B 312 10.84 3.87 5.35
CA ARG B 312 11.22 2.48 5.13
C ARG B 312 12.50 2.17 5.88
N ALA B 313 12.57 0.96 6.45
CA ALA B 313 13.72 0.55 7.25
C ALA B 313 13.80 -0.97 7.23
N LEU B 314 14.87 -1.48 7.82
CA LEU B 314 15.13 -2.91 7.88
C LEU B 314 15.38 -3.33 9.32
N PHE B 315 14.95 -4.56 9.64
CA PHE B 315 15.22 -5.20 10.92
C PHE B 315 15.90 -6.53 10.63
N ILE B 316 17.13 -6.68 11.12
CA ILE B 316 17.97 -7.81 10.75
C ILE B 316 18.43 -8.54 12.01
N TYR B 317 18.44 -9.86 11.93
CA TYR B 317 19.00 -10.70 12.99
C TYR B 317 19.34 -12.05 12.38
N SER B 318 20.10 -12.85 13.13
CA SER B 318 20.59 -14.14 12.66
C SER B 318 19.85 -15.25 13.40
N SER B 319 18.85 -15.85 12.73
CA SER B 319 18.13 -16.97 13.30
C SER B 319 19.07 -18.13 13.59
N SER B 320 20.03 -18.38 12.70
CA SER B 320 21.08 -19.35 12.92
C SER B 320 22.33 -18.85 12.20
N GLN B 321 23.44 -19.57 12.37
CA GLN B 321 24.68 -19.18 11.72
C GLN B 321 24.56 -19.33 10.21
N GLY B 322 24.92 -18.27 9.48
CA GLY B 322 24.89 -18.29 8.04
C GLY B 322 23.58 -17.90 7.40
N ILE B 323 22.57 -17.53 8.18
CA ILE B 323 21.27 -17.10 7.65
C ILE B 323 20.86 -15.82 8.36
N TYR B 324 20.63 -14.76 7.59
CA TYR B 324 20.19 -13.48 8.10
C TYR B 324 18.74 -13.26 7.72
N ASN B 325 17.92 -12.87 8.71
CA ASN B 325 16.51 -12.61 8.49
C ASN B 325 16.30 -11.10 8.37
N ILE B 326 15.85 -10.65 7.20
CA ILE B 326 15.67 -9.23 6.91
C ILE B 326 14.18 -8.93 6.87
N HIS B 327 13.73 -8.07 7.77
CA HIS B 327 12.34 -7.63 7.83
C HIS B 327 12.27 -6.22 7.25
N THR B 328 11.84 -6.12 5.99
CA THR B 328 11.64 -4.82 5.37
C THR B 328 10.32 -4.23 5.85
N ILE B 329 10.38 -3.07 6.50
CA ILE B 329 9.24 -2.47 7.16
C ILE B 329 8.94 -1.12 6.52
N TYR B 330 7.66 -0.87 6.23
CA TYR B 330 7.21 0.42 5.73
C TYR B 330 6.12 0.93 6.65
N TYR B 331 6.32 2.14 7.20
CA TYR B 331 5.35 2.75 8.10
C TYR B 331 5.01 4.14 7.59
N ALA B 332 3.71 4.46 7.58
CA ALA B 332 3.23 5.77 7.20
C ALA B 332 2.12 6.18 8.16
N ASN B 333 2.02 7.48 8.42
CA ASN B 333 1.01 8.00 9.34
C ASN B 333 0.73 9.45 8.97
N TYR B 334 -0.50 9.71 8.52
CA TYR B 334 -0.88 11.05 8.07
C TYR B 334 -1.95 11.66 8.97
N SER C 3 11.48 -9.01 -7.34
CA SER C 3 12.49 -8.03 -6.94
C SER C 3 11.90 -6.62 -6.87
N ARG C 4 11.34 -6.16 -7.98
CA ARG C 4 10.86 -4.78 -8.07
C ARG C 4 9.44 -4.66 -7.55
N HIS C 5 9.21 -3.62 -6.75
CA HIS C 5 7.90 -3.27 -6.21
C HIS C 5 7.43 -1.96 -6.83
N VAL C 6 6.11 -1.78 -6.88
CA VAL C 6 5.48 -0.52 -7.23
C VAL C 6 4.27 -0.32 -6.32
N PHE C 7 4.04 0.94 -5.90
CA PHE C 7 2.90 1.26 -5.06
C PHE C 7 2.31 2.59 -5.52
N ILE C 8 1.04 2.55 -5.95
CA ILE C 8 0.31 3.74 -6.35
C ILE C 8 -0.98 3.80 -5.56
N ARG C 9 -1.26 4.97 -4.97
CA ARG C 9 -2.49 5.17 -4.21
C ARG C 9 -3.04 6.55 -4.52
N THR C 10 -4.31 6.61 -4.94
CA THR C 10 -4.96 7.85 -5.32
C THR C 10 -6.22 8.04 -4.49
N GLU C 11 -6.32 9.20 -3.83
CA GLU C 11 -7.46 9.54 -2.98
C GLU C 11 -7.97 10.91 -3.40
N LEU C 12 -9.22 10.96 -3.87
CA LEU C 12 -9.80 12.21 -4.34
C LEU C 12 -10.51 12.94 -3.20
N SER C 13 -10.29 14.25 -3.13
CA SER C 13 -10.87 15.09 -2.10
C SER C 13 -11.42 16.36 -2.73
N PHE C 14 -12.66 16.70 -2.40
CA PHE C 14 -13.31 17.88 -2.93
C PHE C 14 -13.26 19.00 -1.91
N ILE C 15 -12.67 20.14 -2.30
CA ILE C 15 -12.54 21.31 -1.45
C ILE C 15 -13.21 22.48 -2.14
N LYS C 16 -14.11 23.15 -1.43
CA LYS C 16 -14.85 24.29 -1.96
C LYS C 16 -14.12 25.59 -1.61
N ASN C 17 -14.73 26.72 -1.95
CA ASN C 17 -14.17 28.03 -1.67
C ASN C 17 -15.26 29.08 -1.85
N ASN C 18 -15.11 30.19 -1.12
CA ASN C 18 -16.10 31.26 -1.13
C ASN C 18 -15.58 32.54 -1.76
N VAL C 19 -14.50 32.47 -2.52
CA VAL C 19 -13.95 33.64 -3.22
C VAL C 19 -13.58 33.25 -4.63
N PRO C 20 -14.04 33.97 -5.66
CA PRO C 20 -13.64 33.65 -7.04
C PRO C 20 -12.23 34.10 -7.35
N CYS C 21 -11.28 33.16 -7.29
CA CYS C 21 -9.86 33.49 -7.46
C CYS C 21 -9.54 33.64 -8.94
N ILE C 22 -8.95 34.78 -9.30
CA ILE C 22 -8.47 34.96 -10.67
C ILE C 22 -7.39 33.93 -10.99
N ARG C 23 -6.51 33.67 -10.03
CA ARG C 23 -5.51 32.62 -10.16
C ARG C 23 -5.12 32.17 -8.76
N ASP C 24 -4.77 30.89 -8.64
CA ASP C 24 -4.42 30.29 -7.37
C ASP C 24 -2.91 30.05 -7.29
N MET C 25 -2.40 30.04 -6.05
CA MET C 25 -1.00 29.69 -5.76
C MET C 25 -1.02 28.82 -4.52
N PHE C 26 -0.93 27.51 -4.71
CA PHE C 26 -0.95 26.56 -3.61
C PHE C 26 0.47 26.34 -3.08
N PHE C 27 0.59 26.20 -1.76
CA PHE C 27 1.85 25.82 -1.15
C PHE C 27 1.58 25.16 0.19
N ILE C 28 2.45 24.23 0.56
CA ILE C 28 2.35 23.51 1.82
C ILE C 28 3.34 24.13 2.79
N TYR C 29 2.93 24.25 4.06
CA TYR C 29 3.78 24.81 5.10
C TYR C 29 3.32 24.26 6.44
N LYS C 30 4.21 23.57 7.14
CA LYS C 30 3.89 22.86 8.37
C LYS C 30 2.79 21.83 8.13
N ARG C 31 2.97 21.05 7.06
CA ARG C 31 2.07 19.94 6.72
C ARG C 31 0.62 20.42 6.59
N GLU C 32 0.44 21.64 6.07
CA GLU C 32 -0.88 22.20 5.85
C GLU C 32 -0.89 22.97 4.55
N LEU C 33 -1.96 22.79 3.77
CA LEU C 33 -2.04 23.36 2.42
C LEU C 33 -2.61 24.77 2.48
N TYR C 34 -1.83 25.73 2.02
CA TYR C 34 -2.25 27.11 1.94
C TYR C 34 -2.42 27.52 0.48
N ASN C 35 -3.12 28.63 0.27
CA ASN C 35 -3.35 29.15 -1.07
C ASN C 35 -3.38 30.68 -1.04
N ILE C 36 -2.67 31.29 -1.98
CA ILE C 36 -2.70 32.73 -2.18
C ILE C 36 -3.66 33.01 -3.32
N CYS C 37 -4.82 33.58 -3.00
CA CYS C 37 -5.93 33.73 -3.93
C CYS C 37 -6.12 35.19 -4.30
N LEU C 38 -5.97 35.50 -5.58
CA LEU C 38 -6.18 36.85 -6.08
C LEU C 38 -7.64 37.01 -6.50
N ASP C 39 -8.34 37.97 -5.90
CA ASP C 39 -9.71 38.29 -6.24
C ASP C 39 -9.77 39.72 -6.77
N ASP C 40 -10.38 39.90 -7.93
CA ASP C 40 -10.45 41.22 -8.56
C ASP C 40 -11.85 41.47 -9.11
N GLU C 45 -16.62 43.32 -6.40
CA GLU C 45 -16.21 44.40 -7.29
C GLU C 45 -15.92 45.67 -6.52
N ASP C 46 -16.08 45.60 -5.19
CA ASP C 46 -15.74 46.74 -4.34
C ASP C 46 -14.25 47.07 -4.45
N GLU C 47 -13.39 46.09 -4.16
CA GLU C 47 -11.95 46.26 -4.25
C GLU C 47 -11.35 44.98 -4.83
N THR C 48 -10.02 44.97 -4.94
CA THR C 48 -9.26 43.82 -5.40
C THR C 48 -8.47 43.28 -4.22
N HIS C 49 -8.68 42.00 -3.89
CA HIS C 49 -8.12 41.42 -2.67
C HIS C 49 -7.07 40.37 -3.02
N ILE C 50 -6.13 40.18 -2.10
CA ILE C 50 -5.11 39.13 -2.20
C ILE C 50 -5.14 38.39 -0.86
N TYR C 51 -5.91 37.32 -0.79
CA TYR C 51 -6.08 36.56 0.45
C TYR C 51 -5.04 35.46 0.55
N VAL C 52 -4.57 35.22 1.77
CA VAL C 52 -3.86 33.99 2.11
C VAL C 52 -4.85 33.07 2.80
N GLN C 53 -4.97 31.85 2.28
CA GLN C 53 -6.01 30.93 2.73
C GLN C 53 -5.38 29.66 3.29
N LYS C 54 -6.22 28.85 3.95
CA LYS C 54 -5.78 27.63 4.61
C LYS C 54 -6.85 26.57 4.45
N LYS C 55 -6.45 25.41 3.94
CA LYS C 55 -7.37 24.29 3.77
C LYS C 55 -7.63 23.64 5.13
N VAL C 56 -8.88 23.73 5.59
CA VAL C 56 -9.32 23.05 6.80
C VAL C 56 -10.56 22.25 6.47
N LYS C 57 -10.50 20.94 6.69
CA LYS C 57 -11.61 20.03 6.45
C LYS C 57 -12.13 20.15 5.03
N ASP C 58 -13.39 20.60 4.89
CA ASP C 58 -14.05 20.52 3.59
C ASP C 58 -13.58 21.62 2.63
N SER C 59 -13.37 22.83 3.12
CA SER C 59 -13.20 23.95 2.21
C SER C 59 -12.20 24.98 2.73
N TRP C 60 -11.71 25.79 1.81
CA TRP C 60 -10.81 26.88 2.14
C TRP C 60 -11.49 27.89 3.06
N ILE C 61 -10.68 28.51 3.91
CA ILE C 61 -11.10 29.67 4.70
C ILE C 61 -10.06 30.77 4.49
N THR C 62 -10.54 32.01 4.44
CA THR C 62 -9.65 33.16 4.26
C THR C 62 -9.05 33.57 5.60
N LEU C 63 -7.75 33.86 5.58
CA LEU C 63 -7.05 34.24 6.81
C LEU C 63 -6.79 35.74 6.85
N ASN C 64 -5.93 36.24 5.97
CA ASN C 64 -5.55 37.64 5.96
C ASN C 64 -5.68 38.21 4.55
N ASP C 65 -5.68 39.54 4.47
CA ASP C 65 -5.65 40.27 3.21
C ASP C 65 -4.36 41.07 3.15
N LEU C 66 -3.60 40.89 2.07
CA LEU C 66 -2.32 41.57 1.91
C LEU C 66 -2.45 42.90 1.17
N PHE C 67 -3.26 42.94 0.12
CA PHE C 67 -3.38 44.16 -0.69
C PHE C 67 -4.01 45.29 0.10
N LYS C 68 -4.82 44.99 1.12
CA LYS C 68 -5.43 46.03 1.93
C LYS C 68 -4.42 46.76 2.81
N GLU C 69 -3.19 46.25 2.92
CA GLU C 69 -2.16 46.87 3.75
C GLU C 69 -1.05 47.51 2.91
N THR C 70 -1.38 47.90 1.68
CA THR C 70 -0.42 48.56 0.81
C THR C 70 -1.14 49.56 -0.06
N ASP C 71 -0.37 50.48 -0.65
CA ASP C 71 -0.90 51.53 -1.52
C ASP C 71 -0.64 51.25 -3.00
N LEU C 72 -0.56 49.98 -3.38
CA LEU C 72 -0.34 49.65 -4.78
C LEU C 72 -1.63 49.80 -5.58
N THR C 73 -1.51 49.74 -6.90
CA THR C 73 -2.64 49.88 -7.81
C THR C 73 -2.70 48.67 -8.72
N GLY C 74 -3.90 48.11 -8.88
CA GLY C 74 -4.10 47.03 -9.81
C GLY C 74 -3.52 45.71 -9.32
N ARG C 75 -3.30 44.81 -10.28
CA ARG C 75 -2.81 43.48 -9.99
C ARG C 75 -1.30 43.52 -9.72
N PRO C 76 -0.84 43.08 -8.56
CA PRO C 76 0.61 43.03 -8.32
C PRO C 76 1.18 41.64 -8.53
N HIS C 77 2.47 41.57 -8.88
CA HIS C 77 3.16 40.28 -8.92
C HIS C 77 3.27 39.73 -7.50
N ILE C 78 3.12 38.41 -7.38
CA ILE C 78 3.18 37.74 -6.08
C ILE C 78 4.29 36.71 -6.12
N PHE C 79 5.30 36.90 -5.28
CA PHE C 79 6.44 35.98 -5.18
C PHE C 79 6.49 35.45 -3.76
N ALA C 80 5.98 34.24 -3.57
CA ALA C 80 5.96 33.59 -2.26
C ALA C 80 7.16 32.66 -2.13
N TYR C 81 7.76 32.67 -0.94
CA TYR C 81 8.93 31.84 -0.64
C TYR C 81 8.71 31.16 0.70
N VAL C 82 8.48 29.86 0.69
CA VAL C 82 8.26 29.08 1.89
C VAL C 82 9.56 28.37 2.27
N ASP C 83 9.98 28.55 3.51
CA ASP C 83 11.12 27.85 4.07
C ASP C 83 10.62 26.83 5.10
N VAL C 84 11.54 26.27 5.89
CA VAL C 84 11.13 25.30 6.89
C VAL C 84 10.32 25.96 7.99
N GLU C 85 10.60 27.22 8.31
CA GLU C 85 9.94 27.90 9.43
C GLU C 85 9.50 29.32 9.09
N GLU C 86 9.55 29.74 7.83
CA GLU C 86 9.29 31.12 7.48
C GLU C 86 8.48 31.20 6.18
N ILE C 87 7.69 32.26 6.07
CA ILE C 87 6.94 32.57 4.86
C ILE C 87 7.31 34.00 4.45
N ILE C 88 7.69 34.18 3.19
CA ILE C 88 8.03 35.49 2.65
C ILE C 88 7.25 35.70 1.36
N ILE C 89 6.36 36.69 1.36
CA ILE C 89 5.53 37.01 0.21
C ILE C 89 5.84 38.43 -0.24
N LEU C 90 6.11 38.60 -1.53
CA LEU C 90 6.32 39.91 -2.12
C LEU C 90 5.14 40.26 -3.02
N LEU C 91 4.68 41.51 -2.92
CA LEU C 91 3.66 42.05 -3.82
C LEU C 91 4.30 43.20 -4.59
N CYS C 92 4.81 42.91 -5.77
CA CYS C 92 5.49 43.88 -6.61
C CYS C 92 4.54 44.42 -7.68
N GLU C 93 4.61 45.73 -7.91
CA GLU C 93 3.79 46.35 -8.94
C GLU C 93 4.42 46.16 -10.31
N ASP C 94 3.57 46.00 -11.32
CA ASP C 94 4.00 45.87 -12.71
C ASP C 94 3.73 47.20 -13.41
N GLU C 95 4.79 47.89 -13.79
CA GLU C 95 4.71 49.24 -14.34
C GLU C 95 4.68 49.19 -15.87
N GLU C 96 3.82 50.01 -16.46
CA GLU C 96 3.69 50.09 -17.91
C GLU C 96 4.75 50.96 -18.57
N PHE C 97 5.69 51.51 -17.80
CA PHE C 97 6.76 52.32 -18.35
C PHE C 97 7.65 51.51 -19.29
N LYS C 101 10.70 54.46 -15.69
CA LYS C 101 10.81 54.01 -14.31
C LYS C 101 11.89 52.93 -14.19
N LYS C 102 12.89 53.19 -13.35
CA LYS C 102 14.05 52.33 -13.23
C LYS C 102 14.07 51.51 -11.94
N ASP C 103 13.27 51.86 -10.94
CA ASP C 103 13.17 51.08 -9.72
C ASP C 103 11.89 50.26 -9.72
N MET C 104 11.89 49.22 -8.89
CA MET C 104 10.70 48.40 -8.65
C MET C 104 10.41 48.41 -7.15
N THR C 105 9.31 49.04 -6.78
CA THR C 105 8.90 49.08 -5.38
C THR C 105 8.00 47.89 -5.09
N CYS C 106 8.31 47.16 -4.01
CA CYS C 106 7.53 46.01 -3.59
C CYS C 106 7.23 46.12 -2.10
N HIS C 107 6.18 45.42 -1.68
CA HIS C 107 5.83 45.31 -0.28
C HIS C 107 6.09 43.87 0.16
N ARG C 108 6.93 43.72 1.19
CA ARG C 108 7.38 42.41 1.64
C ARG C 108 6.65 42.01 2.91
N PHE C 109 6.10 40.80 2.92
CA PHE C 109 5.38 40.25 4.06
C PHE C 109 6.18 39.10 4.66
N TYR C 110 6.31 39.10 5.98
CA TYR C 110 7.07 38.07 6.69
C TYR C 110 6.17 37.40 7.72
N SER C 111 6.35 36.10 7.91
CA SER C 111 5.54 35.37 8.87
C SER C 111 6.23 34.07 9.25
N ASN C 112 5.97 33.62 10.48
CA ASN C 112 6.38 32.30 10.95
C ASN C 112 5.20 31.36 11.15
N ASP C 113 3.96 31.85 11.01
CA ASP C 113 2.77 31.05 11.28
C ASP C 113 1.85 30.85 10.08
N GLY C 114 1.94 31.69 9.05
CA GLY C 114 1.00 31.65 7.96
C GLY C 114 -0.33 32.32 8.25
N LYS C 115 -0.47 32.96 9.40
CA LYS C 115 -1.71 33.63 9.78
C LYS C 115 -1.53 35.09 10.17
N GLU C 116 -0.31 35.55 10.46
CA GLU C 116 -0.05 36.95 10.80
C GLU C 116 1.24 37.38 10.12
N TYR C 117 1.17 38.47 9.37
CA TYR C 117 2.28 38.91 8.52
C TYR C 117 2.75 40.29 8.94
N ASN C 118 4.07 40.44 9.09
CA ASN C 118 4.71 41.71 9.43
C ASN C 118 5.25 42.31 8.14
N ASN C 119 4.58 43.33 7.62
CA ASN C 119 4.88 43.86 6.30
C ASN C 119 5.89 45.00 6.36
N ALA C 120 6.48 45.29 5.20
CA ALA C 120 7.45 46.37 5.04
C ALA C 120 7.63 46.64 3.55
N GLU C 121 7.74 47.91 3.19
CA GLU C 121 7.91 48.31 1.80
C GLU C 121 9.39 48.27 1.42
N ILE C 122 9.67 47.67 0.26
CA ILE C 122 11.03 47.54 -0.25
C ILE C 122 11.10 48.20 -1.62
N THR C 123 12.25 48.82 -1.91
CA THR C 123 12.53 49.41 -3.22
C THR C 123 13.74 48.72 -3.81
N ILE C 124 13.53 47.93 -4.86
CA ILE C 124 14.62 47.27 -5.57
C ILE C 124 15.15 48.26 -6.60
N SER C 125 16.24 48.95 -6.25
CA SER C 125 16.79 49.97 -7.13
C SER C 125 17.53 49.35 -8.31
N ASP C 126 17.31 49.91 -9.50
CA ASP C 126 17.99 49.48 -10.72
C ASP C 126 17.80 47.99 -10.96
N TYR C 127 16.54 47.55 -10.95
CA TYR C 127 16.26 46.13 -11.09
C TYR C 127 16.54 45.69 -12.52
N ILE C 128 17.22 44.54 -12.64
CA ILE C 128 17.70 44.07 -13.94
C ILE C 128 16.63 43.35 -14.75
N LEU C 129 15.42 43.20 -14.22
CA LEU C 129 14.35 42.50 -14.92
C LEU C 129 13.43 43.45 -15.68
N LYS C 130 13.86 44.68 -15.91
CA LYS C 130 13.14 45.54 -16.84
C LYS C 130 13.20 44.93 -18.23
N ASP C 131 12.13 45.15 -19.01
CA ASP C 131 11.93 44.58 -20.33
C ASP C 131 11.78 43.06 -20.30
N LYS C 132 11.55 42.49 -19.12
CA LYS C 132 11.29 41.07 -18.97
C LYS C 132 9.82 40.83 -18.67
N LEU C 133 9.43 39.56 -18.72
CA LEU C 133 8.07 39.14 -18.42
C LEU C 133 8.09 38.42 -17.07
N LEU C 134 7.47 39.03 -16.07
CA LEU C 134 7.41 38.47 -14.72
C LEU C 134 6.06 37.80 -14.50
N SER C 135 6.08 36.69 -13.76
CA SER C 135 4.87 35.94 -13.45
C SER C 135 4.88 35.56 -11.98
N SER C 136 3.70 35.56 -11.38
CA SER C 136 3.58 35.17 -9.97
C SER C 136 3.82 33.69 -9.80
N TYR C 137 4.51 33.32 -8.73
CA TYR C 137 4.75 31.91 -8.42
C TYR C 137 5.18 31.75 -6.97
N VAL C 138 5.02 30.54 -6.47
CA VAL C 138 5.55 30.14 -5.16
C VAL C 138 6.87 29.42 -5.39
N SER C 139 7.91 29.84 -4.68
CA SER C 139 9.23 29.26 -4.83
C SER C 139 9.74 28.72 -3.50
N LEU C 140 10.88 28.06 -3.56
CA LEU C 140 11.59 27.53 -2.41
C LEU C 140 13.04 27.98 -2.48
N PRO C 141 13.66 28.30 -1.35
CA PRO C 141 15.04 28.78 -1.38
C PRO C 141 15.98 27.83 -2.11
N LEU C 142 16.79 28.39 -2.99
CA LEU C 142 17.77 27.64 -3.77
C LEU C 142 19.13 27.74 -3.09
N LYS C 143 19.74 26.59 -2.82
CA LYS C 143 20.99 26.51 -2.07
C LYS C 143 22.16 26.53 -3.03
N ILE C 144 23.06 27.50 -2.86
CA ILE C 144 24.34 27.56 -3.55
C ILE C 144 25.39 28.02 -2.56
N GLU C 145 26.56 27.38 -2.56
CA GLU C 145 27.65 27.73 -1.65
C GLU C 145 27.17 27.61 -0.19
N ASN C 146 26.36 26.58 0.08
CA ASN C 146 25.71 26.40 1.38
C ASN C 146 24.93 27.64 1.80
N ARG C 147 24.52 28.45 0.83
CA ARG C 147 23.80 29.69 1.07
C ARG C 147 22.49 29.65 0.31
N GLU C 148 21.41 30.03 0.99
CA GLU C 148 20.06 29.92 0.43
C GLU C 148 19.65 31.25 -0.17
N TYR C 149 19.16 31.21 -1.41
CA TYR C 149 18.70 32.40 -2.13
C TYR C 149 17.22 32.29 -2.45
N PHE C 150 16.57 33.44 -2.54
CA PHE C 150 15.23 33.56 -3.12
C PHE C 150 15.39 34.13 -4.52
N LEU C 151 14.70 33.54 -5.49
CA LEU C 151 14.86 33.90 -6.89
C LEU C 151 13.62 34.61 -7.42
N ILE C 152 13.85 35.71 -8.12
CA ILE C 152 12.84 36.37 -8.95
C ILE C 152 13.34 36.30 -10.38
N CYS C 153 12.72 35.46 -11.19
CA CYS C 153 13.18 35.17 -12.54
C CYS C 153 12.18 35.71 -13.56
N GLY C 154 12.72 36.21 -14.67
CA GLY C 154 11.89 36.71 -15.75
C GLY C 154 12.50 36.38 -17.09
N VAL C 155 11.63 36.15 -18.07
CA VAL C 155 12.03 35.79 -19.42
C VAL C 155 11.67 36.92 -20.37
N SER C 156 12.51 37.13 -21.37
CA SER C 156 12.22 38.11 -22.41
C SER C 156 10.99 37.66 -23.19
N PRO C 157 9.93 38.47 -23.26
CA PRO C 157 8.65 37.97 -23.79
C PRO C 157 8.67 37.63 -25.27
N TYR C 158 9.58 38.23 -26.04
CA TYR C 158 9.61 38.06 -27.49
C TYR C 158 10.89 38.68 -28.02
N LYS C 159 11.52 38.00 -28.98
CA LYS C 159 12.72 38.52 -29.63
C LYS C 159 12.58 38.31 -31.12
N PHE C 160 12.46 39.41 -31.86
CA PHE C 160 12.28 39.34 -33.30
C PHE C 160 13.62 39.15 -34.02
N LYS C 161 14.57 40.02 -33.75
CA LYS C 161 15.88 39.96 -34.39
C LYS C 161 16.90 39.35 -33.43
N ASP C 162 17.80 38.54 -33.99
CA ASP C 162 18.86 37.94 -33.19
C ASP C 162 19.86 39.00 -32.76
N ASP C 163 20.13 39.07 -31.46
CA ASP C 163 21.12 39.97 -30.89
C ASP C 163 22.20 39.16 -30.18
N ASN C 164 23.15 39.86 -29.57
CA ASN C 164 24.21 39.23 -28.81
C ASN C 164 23.84 39.04 -27.34
N LYS C 165 22.62 39.41 -26.95
CA LYS C 165 22.17 39.20 -25.58
C LYS C 165 21.95 37.71 -25.33
N LYS C 166 22.62 37.18 -24.31
CA LYS C 166 22.46 35.79 -23.91
C LYS C 166 21.63 35.65 -22.63
N ASP C 167 21.13 36.75 -22.09
CA ASP C 167 20.31 36.75 -20.87
C ASP C 167 18.83 36.76 -21.21
N ASP C 168 18.40 35.83 -22.07
CA ASP C 168 16.97 35.69 -22.36
C ASP C 168 16.20 35.35 -21.10
N ILE C 169 16.80 34.59 -20.19
CA ILE C 169 16.24 34.28 -18.89
C ILE C 169 17.17 34.86 -17.84
N LEU C 170 16.62 35.70 -16.95
CA LEU C 170 17.42 36.41 -15.97
C LEU C 170 16.73 36.38 -14.63
N CYS C 171 17.51 36.19 -13.57
CA CYS C 171 16.97 36.05 -12.23
C CYS C 171 17.64 37.03 -11.28
N MET C 172 16.84 37.54 -10.33
CA MET C 172 17.36 38.28 -9.19
C MET C 172 17.36 37.36 -7.97
N ALA C 173 18.45 37.39 -7.21
CA ALA C 173 18.60 36.53 -6.06
C ALA C 173 18.68 37.35 -4.78
N SER C 174 18.35 36.71 -3.67
CA SER C 174 18.37 37.33 -2.35
C SER C 174 18.81 36.30 -1.33
N HIS C 175 20.01 36.50 -0.75
CA HIS C 175 20.49 35.63 0.32
C HIS C 175 20.12 36.16 1.69
N ASP C 176 19.23 37.15 1.79
CA ASP C 176 18.85 37.78 3.03
C ASP C 176 17.34 37.74 3.22
N LYS C 177 16.71 36.61 2.88
CA LYS C 177 15.27 36.40 3.08
C LYS C 177 14.43 37.47 2.41
N GLY C 178 14.91 38.02 1.29
CA GLY C 178 14.09 38.90 0.49
C GLY C 178 14.12 40.37 0.84
N GLU C 179 15.11 40.83 1.60
CA GLU C 179 15.22 42.25 1.89
C GLU C 179 16.00 43.00 0.80
N THR C 180 17.14 42.45 0.39
CA THR C 180 17.96 43.03 -0.66
C THR C 180 18.12 42.02 -1.80
N TRP C 181 18.01 42.51 -3.03
CA TRP C 181 18.01 41.66 -4.22
C TRP C 181 19.16 42.01 -5.15
N GLY C 182 20.33 42.28 -4.58
CA GLY C 182 21.46 42.69 -5.39
C GLY C 182 22.06 41.57 -6.21
N THR C 183 21.95 40.33 -5.73
CA THR C 183 22.58 39.20 -6.40
C THR C 183 21.87 38.91 -7.72
N LYS C 184 22.65 38.52 -8.73
CA LYS C 184 22.15 38.20 -10.05
C LYS C 184 22.49 36.76 -10.41
N ILE C 185 21.54 36.05 -11.00
CA ILE C 185 21.71 34.66 -11.41
C ILE C 185 21.57 34.62 -12.93
N VAL C 186 22.65 34.30 -13.63
CA VAL C 186 22.63 34.19 -15.08
C VAL C 186 22.14 32.80 -15.47
N ILE C 187 21.44 32.72 -16.59
CA ILE C 187 20.83 31.49 -17.07
C ILE C 187 21.25 31.29 -18.52
N LYS C 188 22.16 30.35 -18.76
CA LYS C 188 22.63 30.04 -20.11
C LYS C 188 21.61 29.11 -20.76
N TYR C 189 20.78 29.65 -21.65
CA TYR C 189 19.74 28.91 -22.35
C TYR C 189 19.90 29.17 -23.84
N ASP C 190 20.79 28.40 -24.49
CA ASP C 190 21.10 28.61 -25.89
C ASP C 190 19.93 28.26 -26.81
N ASN C 191 19.02 27.40 -26.37
CA ASN C 191 17.90 26.98 -27.22
C ASN C 191 16.71 27.91 -27.05
N TYR C 192 16.96 29.22 -27.20
CA TYR C 192 15.92 30.23 -27.17
C TYR C 192 15.54 30.58 -28.60
N LYS C 193 14.26 30.38 -28.93
CA LYS C 193 13.78 30.59 -30.29
C LYS C 193 13.43 32.06 -30.51
N LEU C 194 13.53 32.49 -31.76
CA LEU C 194 13.19 33.84 -32.17
C LEU C 194 11.90 33.83 -32.97
N GLY C 195 11.17 34.95 -32.90
CA GLY C 195 9.91 35.06 -33.60
C GLY C 195 8.74 34.36 -32.94
N VAL C 196 8.89 33.89 -31.71
CA VAL C 196 7.82 33.26 -30.97
C VAL C 196 7.71 33.90 -29.59
N GLN C 197 6.54 33.72 -28.98
CA GLN C 197 6.20 34.36 -27.72
C GLN C 197 6.47 33.41 -26.55
N TYR C 198 6.76 33.99 -25.39
CA TYR C 198 7.03 33.24 -24.18
C TYR C 198 6.09 33.71 -23.08
N PHE C 199 5.61 32.76 -22.28
CA PHE C 199 4.63 33.05 -21.24
C PHE C 199 4.98 32.30 -19.96
N PHE C 200 4.60 32.90 -18.82
CA PHE C 200 4.54 32.24 -17.52
C PHE C 200 5.82 31.48 -17.20
N LEU C 201 6.93 32.21 -17.17
CA LEU C 201 8.18 31.65 -16.68
C LEU C 201 8.07 31.42 -15.18
N ARG C 202 8.36 30.20 -14.73
CA ARG C 202 8.30 29.84 -13.32
C ARG C 202 9.44 28.90 -12.98
N PRO C 203 10.12 29.10 -11.85
CA PRO C 203 11.22 28.21 -11.48
C PRO C 203 10.76 27.06 -10.60
N TYR C 204 11.15 25.83 -10.95
CA TYR C 204 10.81 24.65 -10.17
C TYR C 204 12.06 24.23 -9.39
N ILE C 205 12.12 24.64 -8.12
CA ILE C 205 13.22 24.28 -7.23
C ILE C 205 12.88 22.96 -6.56
N SER C 206 13.63 21.90 -6.90
CA SER C 206 13.49 20.60 -6.27
C SER C 206 14.83 20.21 -5.68
N LYS C 207 14.88 20.09 -4.36
CA LYS C 207 16.10 19.76 -3.63
C LYS C 207 17.15 20.84 -3.87
N ASN C 208 18.22 20.50 -4.58
CA ASN C 208 19.29 21.44 -4.90
C ASN C 208 19.30 21.86 -6.36
N ASP C 209 18.39 21.33 -7.17
CA ASP C 209 18.38 21.58 -8.61
C ASP C 209 17.41 22.71 -8.96
N LEU C 210 17.75 23.44 -10.01
CA LEU C 210 16.95 24.54 -10.53
C LEU C 210 16.42 24.18 -11.91
N SER C 211 15.11 24.37 -12.11
CA SER C 211 14.47 24.10 -13.40
C SER C 211 13.47 25.21 -13.68
N PHE C 212 13.04 25.28 -14.95
CA PHE C 212 12.12 26.32 -15.39
C PHE C 212 10.99 25.72 -16.21
N HIS C 213 9.77 26.14 -15.92
CA HIS C 213 8.57 25.67 -16.60
C HIS C 213 7.85 26.88 -17.19
N PHE C 214 7.72 26.90 -18.51
CA PHE C 214 7.21 28.07 -19.21
C PHE C 214 6.46 27.65 -20.46
N TYR C 215 5.76 28.62 -21.06
CA TYR C 215 4.95 28.40 -22.24
C TYR C 215 5.56 29.13 -23.43
N VAL C 216 5.59 28.46 -24.58
CA VAL C 216 6.04 29.04 -25.83
C VAL C 216 4.92 28.90 -26.84
N GLY C 217 4.63 29.98 -27.57
CA GLY C 217 3.54 29.98 -28.52
C GLY C 217 3.97 29.46 -29.89
N ASP C 218 3.07 28.71 -30.52
CA ASP C 218 3.28 28.19 -31.87
C ASP C 218 2.40 28.97 -32.83
N ASN C 219 3.03 29.70 -33.76
CA ASN C 219 2.27 30.55 -34.67
C ASN C 219 1.55 29.77 -35.76
N ILE C 220 2.02 28.57 -36.09
CA ILE C 220 1.40 27.81 -37.18
C ILE C 220 0.22 26.97 -36.72
N ASN C 221 0.15 26.62 -35.45
CA ASN C 221 -0.95 25.81 -34.92
C ASN C 221 -1.85 26.58 -33.96
N ASN C 222 -1.52 27.84 -33.67
CA ASN C 222 -2.32 28.70 -32.79
C ASN C 222 -2.57 28.01 -31.44
N VAL C 223 -1.48 27.72 -30.74
CA VAL C 223 -1.54 27.01 -29.48
C VAL C 223 -0.23 27.25 -28.73
N LYS C 224 -0.31 27.28 -27.41
CA LYS C 224 0.85 27.41 -26.54
C LYS C 224 1.31 26.03 -26.09
N ASN C 225 2.61 25.76 -26.19
CA ASN C 225 3.18 24.50 -25.76
C ASN C 225 4.01 24.70 -24.51
N VAL C 226 3.95 23.73 -23.60
CA VAL C 226 4.73 23.76 -22.38
C VAL C 226 6.16 23.32 -22.68
N ASN C 227 7.12 24.11 -22.22
CA ASN C 227 8.52 23.73 -22.24
C ASN C 227 9.03 23.60 -20.81
N PHE C 228 9.92 22.63 -20.61
CA PHE C 228 10.53 22.41 -19.30
C PHE C 228 12.02 22.19 -19.50
N ILE C 229 12.83 23.07 -18.92
CA ILE C 229 14.27 23.00 -19.02
C ILE C 229 14.85 22.74 -17.65
N GLU C 230 15.93 21.95 -17.60
CA GLU C 230 16.60 21.61 -16.36
C GLU C 230 18.00 22.21 -16.38
N CYS C 231 18.33 22.98 -15.36
CA CYS C 231 19.57 23.73 -15.30
C CYS C 231 20.55 23.08 -14.34
N THR C 232 21.81 23.06 -14.73
CA THR C 232 22.88 22.50 -13.91
C THR C 232 23.87 23.61 -13.54
N HIS C 233 24.34 23.57 -12.30
CA HIS C 233 25.24 24.59 -11.79
C HIS C 233 26.65 24.34 -12.35
N GLU C 234 27.10 25.23 -13.21
CA GLU C 234 28.41 25.11 -13.85
C GLU C 234 29.48 25.89 -13.10
N LYS C 235 29.29 27.19 -12.94
CA LYS C 235 30.11 28.04 -12.07
C LYS C 235 29.22 28.69 -11.02
N ASP C 236 29.85 29.51 -10.18
CA ASP C 236 29.10 30.21 -9.14
C ASP C 236 28.11 31.19 -9.77
N LEU C 237 26.83 31.02 -9.43
CA LEU C 237 25.73 31.83 -9.94
C LEU C 237 25.59 31.75 -11.46
N GLU C 238 26.16 30.71 -12.08
CA GLU C 238 26.06 30.49 -13.52
C GLU C 238 25.47 29.12 -13.77
N PHE C 239 24.33 29.09 -14.47
CA PHE C 239 23.65 27.85 -14.80
C PHE C 239 23.52 27.72 -16.32
N VAL C 240 23.75 26.52 -16.82
CA VAL C 240 23.51 26.18 -18.22
C VAL C 240 22.33 25.21 -18.27
N CYS C 241 21.36 25.51 -19.11
CA CYS C 241 20.11 24.75 -19.16
C CYS C 241 19.92 24.13 -20.53
N SER C 242 19.07 23.11 -20.57
CA SER C 242 18.74 22.41 -21.80
C SER C 242 17.28 21.98 -21.74
N ASN C 243 16.64 21.95 -22.91
CA ASN C 243 15.25 21.51 -22.98
C ASN C 243 15.15 20.03 -22.64
N ARG C 244 14.22 19.70 -21.75
CA ARG C 244 13.96 18.31 -21.36
C ARG C 244 12.79 17.76 -22.17
N ASP C 245 12.97 16.56 -22.71
CA ASP C 245 11.99 15.96 -23.62
C ASP C 245 10.93 15.22 -22.81
N PHE C 246 9.71 15.74 -22.84
CA PHE C 246 8.56 15.09 -22.21
C PHE C 246 7.40 14.87 -23.16
N LEU C 247 7.59 15.15 -24.46
CA LEU C 247 6.49 15.14 -25.41
C LEU C 247 5.91 13.72 -25.56
N LYS C 248 4.60 13.67 -25.80
CA LYS C 248 3.90 12.42 -26.05
C LYS C 248 2.95 12.60 -27.22
N ASP C 249 2.65 11.51 -27.91
CA ASP C 249 1.78 11.56 -29.07
C ASP C 249 0.33 11.78 -28.65
N ASN C 250 -0.32 12.75 -29.30
CA ASN C 250 -1.74 13.05 -29.08
C ASN C 250 -2.03 13.36 -27.60
N LYS C 251 -1.03 13.87 -26.88
CA LYS C 251 -1.18 14.30 -25.51
C LYS C 251 -0.46 15.64 -25.35
N VAL C 252 -1.12 16.60 -24.72
CA VAL C 252 -0.57 17.93 -24.50
C VAL C 252 0.06 17.99 -23.11
N LEU C 253 1.27 18.53 -23.03
CA LEU C 253 2.00 18.56 -21.77
C LEU C 253 1.43 19.63 -20.84
N GLN C 254 1.38 19.31 -19.55
CA GLN C 254 0.76 20.22 -18.58
C GLN C 254 1.75 20.63 -17.50
N ASP C 255 1.93 19.81 -16.47
CA ASP C 255 2.80 20.15 -15.36
C ASP C 255 3.79 19.02 -15.10
N VAL C 256 4.93 19.42 -14.53
CA VAL C 256 6.05 18.51 -14.25
C VAL C 256 6.40 18.63 -12.78
N SER C 257 6.67 17.49 -12.15
CA SER C 257 7.13 17.47 -10.76
C SER C 257 8.09 16.29 -10.60
N THR C 258 8.50 16.03 -9.35
CA THR C 258 9.43 14.97 -9.04
C THR C 258 8.84 14.10 -7.93
N LEU C 259 8.91 12.79 -8.11
CA LEU C 259 8.40 11.83 -7.14
C LEU C 259 9.25 10.57 -7.23
N ASN C 260 9.74 10.09 -6.08
CA ASN C 260 10.61 8.92 -6.03
C ASN C 260 11.91 9.16 -6.79
N ASP C 261 12.42 10.40 -6.71
CA ASP C 261 13.61 10.82 -7.47
C ASP C 261 13.44 10.58 -8.96
N GLU C 262 12.20 10.60 -9.42
CA GLU C 262 11.87 10.45 -10.83
C GLU C 262 10.84 11.50 -11.21
N TYR C 263 10.79 11.84 -12.48
CA TYR C 263 9.82 12.81 -12.96
C TYR C 263 8.41 12.22 -12.95
N ILE C 264 7.44 13.06 -12.61
CA ILE C 264 6.03 12.78 -12.87
C ILE C 264 5.48 13.94 -13.68
N VAL C 265 4.72 13.62 -14.72
CA VAL C 265 4.26 14.60 -15.69
C VAL C 265 2.79 14.39 -15.95
N SER C 266 2.04 15.48 -16.01
CA SER C 266 0.62 15.45 -16.32
C SER C 266 0.40 15.88 -17.76
N TYR C 267 -0.51 15.19 -18.44
CA TYR C 267 -0.86 15.47 -19.82
C TYR C 267 -2.36 15.68 -19.95
N GLY C 268 -2.77 16.16 -21.12
CA GLY C 268 -4.18 16.22 -21.48
C GLY C 268 -4.42 15.50 -22.79
N ASN C 269 -5.64 14.99 -23.00
CA ASN C 269 -5.93 14.27 -24.23
C ASN C 269 -5.83 15.19 -25.44
N ASP C 270 -6.25 16.45 -25.28
CA ASP C 270 -6.08 17.46 -26.31
C ASP C 270 -6.06 18.82 -25.61
N ASN C 271 -6.04 19.90 -26.41
CA ASN C 271 -6.01 21.23 -25.84
C ASN C 271 -7.31 21.61 -25.14
N ASN C 272 -8.38 20.83 -25.33
CA ASN C 272 -9.62 21.06 -24.62
C ASN C 272 -9.56 20.59 -23.17
N PHE C 273 -8.61 19.70 -22.86
CA PHE C 273 -8.36 19.24 -21.49
C PHE C 273 -9.60 18.57 -20.88
N ALA C 274 -10.19 17.65 -21.64
CA ALA C 274 -11.31 16.87 -21.11
C ALA C 274 -10.83 15.85 -20.10
N GLU C 275 -9.74 15.14 -20.40
CA GLU C 275 -9.16 14.17 -19.50
C GLU C 275 -7.69 14.51 -19.27
N CYS C 276 -7.16 14.03 -18.14
CA CYS C 276 -5.77 14.28 -17.77
C CYS C 276 -5.08 12.95 -17.45
N TYR C 277 -3.86 12.82 -17.95
CA TYR C 277 -3.04 11.63 -17.74
C TYR C 277 -1.83 12.00 -16.89
N ILE C 278 -1.59 11.24 -15.83
CA ILE C 278 -0.43 11.43 -14.97
C ILE C 278 0.48 10.22 -15.13
N PHE C 279 1.72 10.45 -15.54
CA PHE C 279 2.69 9.39 -15.79
C PHE C 279 3.80 9.48 -14.75
N PHE C 280 3.94 8.42 -13.95
CA PHE C 280 5.01 8.30 -12.98
C PHE C 280 6.22 7.70 -13.66
N ASN C 281 7.35 8.41 -13.63
CA ASN C 281 8.51 8.14 -14.47
C ASN C 281 7.98 8.17 -15.90
N ASN C 282 8.12 7.09 -16.69
CA ASN C 282 7.44 6.98 -17.97
C ASN C 282 6.81 5.61 -18.12
N GLU C 283 6.53 4.93 -17.01
CA GLU C 283 6.08 3.54 -17.02
C GLU C 283 4.61 3.45 -16.61
N ASN C 284 4.30 3.63 -15.34
CA ASN C 284 2.94 3.53 -14.83
C ASN C 284 2.20 4.84 -15.03
N SER C 285 0.86 4.75 -15.00
CA SER C 285 0.05 5.91 -15.34
C SER C 285 -1.31 5.80 -14.66
N ILE C 286 -1.91 6.98 -14.39
CA ILE C 286 -3.27 7.07 -13.88
C ILE C 286 -4.02 8.08 -14.76
N LEU C 287 -5.35 7.97 -14.73
CA LEU C 287 -6.22 8.80 -15.56
C LEU C 287 -7.11 9.65 -14.67
N ILE C 288 -7.30 10.91 -15.07
CA ILE C 288 -8.14 11.86 -14.34
C ILE C 288 -9.27 12.28 -15.26
N LYS C 289 -10.49 11.93 -14.87
CA LYS C 289 -11.70 12.33 -15.62
C LYS C 289 -12.61 13.14 -14.71
N PRO C 290 -12.69 14.47 -14.88
CA PRO C 290 -13.56 15.27 -14.00
C PRO C 290 -15.04 15.12 -14.32
N GLU C 291 -15.57 13.88 -14.23
CA GLU C 291 -16.99 13.60 -14.47
C GLU C 291 -17.53 12.91 -13.22
N LYS C 292 -17.84 13.70 -12.19
CA LYS C 292 -18.35 13.15 -10.94
C LYS C 292 -19.85 13.42 -10.79
N ALA C 298 -16.68 21.04 -17.02
CA ALA C 298 -16.05 20.14 -16.06
C ALA C 298 -14.78 19.53 -16.63
N GLY C 299 -13.72 20.34 -16.71
CA GLY C 299 -12.45 19.88 -17.26
C GLY C 299 -11.30 20.03 -16.30
N CYS C 300 -10.22 19.27 -16.52
CA CYS C 300 -9.04 19.31 -15.67
C CYS C 300 -8.03 20.35 -16.14
N TYR C 301 -8.49 21.47 -16.68
CA TYR C 301 -7.60 22.53 -17.14
C TYR C 301 -6.99 23.27 -15.95
N GLY C 302 -5.76 23.73 -16.12
CA GLY C 302 -5.06 24.41 -15.05
C GLY C 302 -4.60 23.50 -13.93
N GLY C 303 -4.55 22.20 -14.18
CA GLY C 303 -4.09 21.28 -13.14
C GLY C 303 -2.61 21.47 -12.87
N THR C 304 -2.25 21.50 -11.58
CA THR C 304 -0.87 21.70 -11.19
C THR C 304 -0.52 20.76 -10.04
N PHE C 305 0.77 20.45 -9.93
CA PHE C 305 1.27 19.61 -8.86
C PHE C 305 1.64 20.44 -7.64
N VAL C 306 1.47 19.84 -6.46
CA VAL C 306 1.96 20.38 -5.20
C VAL C 306 2.61 19.24 -4.44
N LYS C 307 3.94 19.30 -4.29
CA LYS C 307 4.71 18.21 -3.71
C LYS C 307 4.59 18.25 -2.19
N ILE C 308 3.95 17.22 -1.63
CA ILE C 308 3.83 17.12 -0.18
C ILE C 308 5.14 16.66 0.44
N ASP C 309 5.62 15.48 0.03
CA ASP C 309 6.94 15.01 0.42
C ASP C 309 7.54 14.26 -0.76
N GLU C 310 8.55 13.42 -0.49
CA GLU C 310 9.31 12.82 -1.57
C GLU C 310 8.51 11.76 -2.33
N ASN C 311 7.54 11.13 -1.68
CA ASN C 311 6.79 10.03 -2.29
C ASN C 311 5.30 10.32 -2.42
N ARG C 312 4.83 11.52 -2.08
CA ARG C 312 3.42 11.84 -2.27
C ARG C 312 3.28 13.32 -2.57
N ALA C 313 2.37 13.63 -3.50
CA ALA C 313 2.11 15.00 -3.94
C ALA C 313 0.62 15.16 -4.18
N LEU C 314 0.23 16.38 -4.55
CA LEU C 314 -1.16 16.72 -4.84
C LEU C 314 -1.31 17.18 -6.27
N PHE C 315 -2.47 16.88 -6.86
CA PHE C 315 -2.84 17.37 -8.18
C PHE C 315 -4.16 18.11 -8.04
N ILE C 316 -4.13 19.43 -8.25
CA ILE C 316 -5.26 20.30 -7.97
C ILE C 316 -5.71 20.95 -9.27
N TYR C 317 -7.02 20.94 -9.51
CA TYR C 317 -7.64 21.69 -10.60
C TYR C 317 -9.04 22.08 -10.16
N SER C 318 -9.66 22.97 -10.94
CA SER C 318 -11.01 23.46 -10.67
C SER C 318 -11.92 22.98 -11.78
N SER C 319 -12.83 22.06 -11.45
CA SER C 319 -13.80 21.58 -12.44
C SER C 319 -14.79 22.67 -12.81
N SER C 320 -15.33 23.37 -11.81
CA SER C 320 -16.20 24.52 -12.02
C SER C 320 -15.72 25.65 -11.13
N GLN C 321 -16.43 26.78 -11.20
CA GLN C 321 -16.09 27.94 -10.39
C GLN C 321 -16.56 27.70 -8.96
N GLY C 322 -15.62 27.57 -8.04
CA GLY C 322 -15.92 27.41 -6.63
C GLY C 322 -15.50 26.08 -6.04
N ILE C 323 -15.29 25.05 -6.86
CA ILE C 323 -14.90 23.73 -6.38
C ILE C 323 -13.48 23.44 -6.81
N TYR C 324 -12.73 22.75 -5.95
CA TYR C 324 -11.33 22.39 -6.21
C TYR C 324 -11.19 20.89 -6.00
N ASN C 325 -10.90 20.16 -7.07
CA ASN C 325 -10.66 18.73 -6.97
C ASN C 325 -9.21 18.50 -6.57
N ILE C 326 -9.00 17.75 -5.49
CA ILE C 326 -7.68 17.49 -4.95
C ILE C 326 -7.42 15.99 -5.01
N HIS C 327 -6.43 15.60 -5.80
CA HIS C 327 -6.04 14.19 -5.97
C HIS C 327 -4.75 13.96 -5.17
N THR C 328 -4.87 13.32 -4.02
CA THR C 328 -3.71 12.96 -3.23
C THR C 328 -3.09 11.69 -3.80
N ILE C 329 -1.83 11.78 -4.22
CA ILE C 329 -1.15 10.72 -4.94
C ILE C 329 0.04 10.25 -4.10
N TYR C 330 0.22 8.93 -4.01
CA TYR C 330 1.42 8.34 -3.41
C TYR C 330 2.03 7.37 -4.41
N TYR C 331 3.30 7.60 -4.75
CA TYR C 331 4.03 6.74 -5.68
C TYR C 331 5.35 6.32 -5.04
N ALA C 332 5.66 5.03 -5.12
CA ALA C 332 6.93 4.49 -4.63
C ALA C 332 7.38 3.41 -5.60
N ASN C 333 8.54 3.61 -6.22
CA ASN C 333 9.03 2.70 -7.26
C ASN C 333 9.86 1.56 -6.71
N TYR C 334 10.25 1.61 -5.43
CA TYR C 334 10.87 0.46 -4.78
C TYR C 334 10.52 0.47 -3.29
N GLU C 335 9.25 0.73 -2.98
CA GLU C 335 8.73 0.70 -1.63
C GLU C 335 9.42 1.73 -0.73
N THR D 2 -11.38 10.45 0.30
CA THR D 2 -12.68 10.46 0.97
C THR D 2 -13.80 10.08 0.00
N SER D 3 -13.84 10.76 -1.14
CA SER D 3 -14.87 10.51 -2.14
C SER D 3 -14.43 9.51 -3.20
N ARG D 4 -13.18 9.06 -3.17
CA ARG D 4 -12.70 8.05 -4.11
C ARG D 4 -11.37 7.50 -3.59
N HIS D 5 -11.15 6.20 -3.81
CA HIS D 5 -9.95 5.53 -3.34
C HIS D 5 -9.48 4.55 -4.39
N VAL D 6 -8.24 4.68 -4.82
CA VAL D 6 -7.62 3.78 -5.79
C VAL D 6 -6.34 3.23 -5.18
N PHE D 7 -6.13 1.91 -5.32
CA PHE D 7 -4.97 1.25 -4.78
C PHE D 7 -4.40 0.31 -5.83
N ILE D 8 -3.15 0.55 -6.23
CA ILE D 8 -2.44 -0.30 -7.17
C ILE D 8 -1.07 -0.61 -6.59
N ARG D 9 -0.79 -1.90 -6.40
CA ARG D 9 0.56 -2.32 -6.02
C ARG D 9 0.90 -3.59 -6.78
N THR D 10 2.13 -3.63 -7.30
CA THR D 10 2.62 -4.78 -8.06
C THR D 10 3.98 -5.19 -7.51
N GLU D 11 4.20 -6.50 -7.45
CA GLU D 11 5.46 -7.07 -7.01
C GLU D 11 5.99 -7.98 -8.10
N LEU D 12 7.28 -7.86 -8.42
CA LEU D 12 7.92 -8.70 -9.41
C LEU D 12 8.61 -9.86 -8.70
N SER D 13 8.32 -11.08 -9.13
CA SER D 13 8.95 -12.27 -8.59
C SER D 13 9.38 -13.18 -9.75
N PHE D 14 10.53 -13.81 -9.58
CA PHE D 14 11.11 -14.68 -10.59
C PHE D 14 10.97 -16.14 -10.17
N ILE D 15 10.76 -17.03 -11.13
CA ILE D 15 10.67 -18.46 -10.88
C ILE D 15 11.44 -19.17 -11.98
N LYS D 16 12.47 -19.92 -11.58
CA LYS D 16 13.27 -20.69 -12.52
C LYS D 16 12.65 -22.07 -12.73
N ASN D 17 12.89 -22.64 -13.91
CA ASN D 17 12.34 -23.94 -14.26
C ASN D 17 13.41 -24.77 -14.96
N ASN D 18 13.36 -26.08 -14.74
CA ASN D 18 14.34 -26.99 -15.32
C ASN D 18 13.87 -27.59 -16.64
N VAL D 19 12.57 -27.87 -16.77
CA VAL D 19 12.05 -28.53 -17.97
C VAL D 19 11.63 -27.47 -18.99
N PRO D 20 11.87 -27.70 -20.29
CA PRO D 20 11.43 -26.74 -21.30
C PRO D 20 10.03 -27.02 -21.83
N CYS D 21 9.08 -26.16 -21.48
CA CYS D 21 7.69 -26.37 -21.83
C CYS D 21 7.37 -25.70 -23.16
N ILE D 22 6.70 -26.43 -24.05
CA ILE D 22 6.22 -25.83 -25.29
C ILE D 22 5.08 -24.86 -24.99
N ARG D 23 4.12 -25.29 -24.18
CA ARG D 23 3.02 -24.45 -23.72
C ARG D 23 2.89 -24.61 -22.21
N ASP D 24 2.39 -23.57 -21.55
CA ASP D 24 2.19 -23.57 -20.11
C ASP D 24 0.73 -23.30 -19.78
N MET D 25 0.21 -24.04 -18.81
CA MET D 25 -1.13 -23.81 -18.27
C MET D 25 -1.01 -23.61 -16.77
N PHE D 26 -1.23 -22.39 -16.31
CA PHE D 26 -1.18 -22.05 -14.89
C PHE D 26 -2.59 -22.07 -14.30
N PHE D 27 -2.69 -22.51 -13.05
CA PHE D 27 -3.94 -22.42 -12.31
C PHE D 27 -3.63 -22.38 -10.82
N ILE D 28 -4.53 -21.77 -10.06
CA ILE D 28 -4.43 -21.69 -8.61
C ILE D 28 -5.27 -22.81 -8.01
N TYR D 29 -4.71 -23.53 -7.06
CA TYR D 29 -5.42 -24.60 -6.36
C TYR D 29 -4.97 -24.63 -4.92
N LYS D 30 -5.89 -24.40 -4.00
CA LYS D 30 -5.60 -24.35 -2.56
C LYS D 30 -4.50 -23.34 -2.26
N ARG D 31 -4.71 -22.11 -2.75
CA ARG D 31 -3.83 -20.98 -2.51
C ARG D 31 -2.40 -21.21 -3.00
N GLU D 32 -2.22 -22.12 -3.96
CA GLU D 32 -0.90 -22.44 -4.49
C GLU D 32 -0.97 -22.53 -6.01
N LEU D 33 0.11 -22.11 -6.66
CA LEU D 33 0.15 -21.99 -8.12
C LEU D 33 0.76 -23.24 -8.73
N TYR D 34 0.03 -23.83 -9.68
CA TYR D 34 0.46 -25.03 -10.39
C TYR D 34 0.68 -24.71 -11.86
N ASN D 35 1.25 -25.67 -12.58
CA ASN D 35 1.52 -25.50 -14.00
C ASN D 35 1.47 -26.85 -14.69
N ILE D 36 0.60 -26.98 -15.70
CA ILE D 36 0.65 -28.11 -16.62
C ILE D 36 1.66 -27.78 -17.70
N CYS D 37 2.66 -28.63 -17.87
CA CYS D 37 3.77 -28.38 -18.77
C CYS D 37 3.88 -29.50 -19.79
N LEU D 38 4.02 -29.14 -21.06
CA LEU D 38 4.20 -30.08 -22.16
C LEU D 38 5.64 -30.01 -22.65
N ASP D 39 6.32 -31.15 -22.61
CA ASP D 39 7.73 -31.24 -23.01
C ASP D 39 7.89 -32.39 -23.99
N ASP D 40 8.41 -32.09 -25.17
CA ASP D 40 8.57 -33.10 -26.20
C ASP D 40 9.45 -32.56 -27.32
N LEU D 41 10.30 -33.43 -27.87
CA LEU D 41 11.04 -33.17 -29.10
C LEU D 41 11.63 -34.46 -29.64
N THR D 48 8.12 -37.80 -24.84
CA THR D 48 6.99 -36.92 -24.60
C THR D 48 6.56 -36.99 -23.13
N HIS D 49 6.39 -35.82 -22.52
CA HIS D 49 6.08 -35.75 -21.10
C HIS D 49 5.11 -34.60 -20.84
N ILE D 50 4.21 -34.81 -19.89
CA ILE D 50 3.25 -33.80 -19.47
C ILE D 50 3.29 -33.74 -17.95
N TYR D 51 3.87 -32.67 -17.41
CA TYR D 51 4.10 -32.55 -15.98
C TYR D 51 3.07 -31.64 -15.33
N VAL D 52 2.55 -32.06 -14.18
CA VAL D 52 1.79 -31.19 -13.30
C VAL D 52 2.77 -30.63 -12.27
N GLN D 53 3.16 -29.38 -12.44
CA GLN D 53 4.16 -28.77 -11.58
C GLN D 53 3.50 -27.89 -10.53
N LYS D 54 4.25 -27.61 -9.46
CA LYS D 54 3.75 -26.83 -8.34
C LYS D 54 4.80 -25.83 -7.91
N LYS D 55 4.43 -24.55 -7.87
CA LYS D 55 5.35 -23.50 -7.46
C LYS D 55 5.65 -23.60 -5.98
N VAL D 56 6.93 -23.76 -5.65
CA VAL D 56 7.41 -23.67 -4.28
C VAL D 56 8.64 -22.78 -4.26
N LYS D 57 8.65 -21.79 -3.35
CA LYS D 57 9.73 -20.83 -3.24
C LYS D 57 10.03 -20.15 -4.57
N ASP D 58 11.19 -20.41 -5.18
CA ASP D 58 11.62 -19.69 -6.37
C ASP D 58 11.74 -20.57 -7.59
N SER D 59 11.30 -21.83 -7.53
CA SER D 59 11.47 -22.75 -8.64
C SER D 59 10.28 -23.69 -8.75
N TRP D 60 9.97 -24.09 -9.98
CA TRP D 60 8.96 -25.10 -10.23
C TRP D 60 9.46 -26.47 -9.79
N ILE D 61 8.50 -27.35 -9.48
CA ILE D 61 8.79 -28.72 -9.07
C ILE D 61 7.78 -29.64 -9.75
N THR D 62 8.27 -30.70 -10.39
CA THR D 62 7.39 -31.65 -11.03
C THR D 62 6.78 -32.60 -10.00
N LEU D 63 5.54 -32.97 -10.24
CA LEU D 63 4.80 -33.85 -9.33
C LEU D 63 4.36 -35.16 -9.97
N ASN D 64 3.88 -35.13 -11.21
CA ASN D 64 3.50 -36.33 -11.94
C ASN D 64 3.71 -36.12 -13.43
N ASP D 65 4.02 -37.20 -14.12
CA ASP D 65 4.07 -37.23 -15.59
C ASP D 65 2.82 -37.96 -16.06
N LEU D 66 1.80 -37.20 -16.46
CA LEU D 66 0.53 -37.80 -16.85
C LEU D 66 0.65 -38.62 -18.13
N PHE D 67 1.64 -38.33 -18.98
CA PHE D 67 1.77 -39.03 -20.25
C PHE D 67 2.34 -40.43 -20.09
N LYS D 68 3.04 -40.72 -18.99
CA LYS D 68 3.58 -42.05 -18.78
C LYS D 68 2.47 -43.09 -18.62
N GLU D 69 1.40 -42.73 -17.90
CA GLU D 69 0.30 -43.66 -17.69
C GLU D 69 -0.61 -43.78 -18.90
N THR D 70 -0.63 -42.78 -19.78
CA THR D 70 -1.42 -42.87 -20.99
C THR D 70 -0.68 -43.71 -22.03
N ASP D 71 -1.34 -43.95 -23.17
CA ASP D 71 -0.75 -44.67 -24.30
C ASP D 71 -1.16 -43.94 -25.58
N LEU D 72 -0.61 -42.75 -25.77
CA LEU D 72 -0.87 -41.91 -26.93
C LEU D 72 0.45 -41.59 -27.63
N THR D 73 0.34 -40.86 -28.74
CA THR D 73 1.50 -40.35 -29.45
C THR D 73 1.24 -38.89 -29.81
N GLY D 74 2.33 -38.15 -30.05
CA GLY D 74 2.17 -36.76 -30.39
C GLY D 74 1.64 -35.93 -29.23
N ARG D 75 1.19 -34.72 -29.57
CA ARG D 75 0.72 -33.77 -28.57
C ARG D 75 -0.77 -33.95 -28.34
N PRO D 76 -1.21 -34.31 -27.14
CA PRO D 76 -2.64 -34.42 -26.86
C PRO D 76 -3.23 -33.11 -26.36
N HIS D 77 -4.52 -32.93 -26.65
CA HIS D 77 -5.27 -31.84 -26.05
C HIS D 77 -5.34 -32.03 -24.53
N ILE D 78 -5.22 -30.93 -23.80
CA ILE D 78 -5.25 -30.96 -22.34
C ILE D 78 -6.37 -30.04 -21.87
N PHE D 79 -7.28 -30.58 -21.07
CA PHE D 79 -8.39 -29.82 -20.52
C PHE D 79 -8.37 -29.97 -19.01
N ALA D 80 -8.07 -28.88 -18.31
CA ALA D 80 -8.03 -28.87 -16.86
C ALA D 80 -9.26 -28.19 -16.30
N TYR D 81 -9.76 -28.71 -15.18
CA TYR D 81 -10.93 -28.15 -14.51
C TYR D 81 -10.63 -28.10 -13.02
N VAL D 82 -10.67 -26.91 -12.45
CA VAL D 82 -10.30 -26.70 -11.06
C VAL D 82 -11.56 -26.33 -10.29
N ASP D 83 -12.13 -27.30 -9.59
CA ASP D 83 -13.15 -27.01 -8.60
C ASP D 83 -12.48 -26.60 -7.29
N VAL D 84 -13.28 -26.23 -6.30
CA VAL D 84 -12.70 -25.73 -5.05
C VAL D 84 -11.94 -26.82 -4.31
N GLU D 85 -12.25 -28.10 -4.56
CA GLU D 85 -11.61 -29.19 -3.85
C GLU D 85 -11.16 -30.33 -4.76
N GLU D 86 -11.42 -30.27 -6.05
CA GLU D 86 -11.08 -31.35 -6.97
C GLU D 86 -10.39 -30.78 -8.20
N ILE D 87 -9.56 -31.62 -8.82
CA ILE D 87 -8.87 -31.28 -10.07
C ILE D 87 -9.16 -32.37 -11.08
N ILE D 88 -9.64 -31.98 -12.26
CA ILE D 88 -9.92 -32.90 -13.36
C ILE D 88 -9.07 -32.48 -14.56
N ILE D 89 -8.30 -33.43 -15.08
CA ILE D 89 -7.45 -33.20 -16.25
C ILE D 89 -7.74 -34.29 -17.28
N LEU D 90 -8.04 -33.88 -18.50
CA LEU D 90 -8.31 -34.80 -19.59
C LEU D 90 -7.24 -34.66 -20.67
N LEU D 91 -6.81 -35.81 -21.20
CA LEU D 91 -5.84 -35.86 -22.29
C LEU D 91 -6.47 -36.60 -23.46
N CYS D 92 -6.67 -35.90 -24.56
CA CYS D 92 -7.36 -36.44 -25.73
C CYS D 92 -6.44 -36.38 -26.94
N GLU D 93 -6.58 -37.36 -27.83
CA GLU D 93 -5.70 -37.49 -28.98
C GLU D 93 -5.93 -36.34 -29.98
N ASP D 94 -5.08 -36.30 -30.99
CA ASP D 94 -5.13 -35.27 -32.03
C ASP D 94 -5.13 -35.90 -33.42
N SER D 98 -5.40 -34.37 -39.01
CA SER D 98 -5.35 -35.10 -40.27
C SER D 98 -6.22 -36.35 -40.22
N ASN D 99 -5.84 -37.30 -39.36
CA ASN D 99 -6.61 -38.53 -39.21
C ASN D 99 -7.98 -38.22 -38.62
N ARG D 100 -8.96 -39.07 -38.94
CA ARG D 100 -10.34 -38.86 -38.53
C ARG D 100 -10.88 -40.12 -37.86
N LYS D 101 -11.61 -39.92 -36.76
CA LYS D 101 -12.29 -40.98 -36.06
C LYS D 101 -13.65 -40.48 -35.59
N LYS D 102 -14.63 -41.38 -35.57
CA LYS D 102 -15.99 -40.99 -35.18
C LYS D 102 -16.05 -40.58 -33.71
N ASP D 103 -15.33 -41.27 -32.85
CA ASP D 103 -15.29 -40.98 -31.43
C ASP D 103 -13.95 -40.37 -31.04
N MET D 104 -13.91 -39.76 -29.86
CA MET D 104 -12.70 -39.17 -29.30
C MET D 104 -12.41 -39.85 -27.97
N THR D 105 -11.28 -40.56 -27.91
CA THR D 105 -10.84 -41.21 -26.68
C THR D 105 -10.03 -40.23 -25.85
N CYS D 106 -10.33 -40.15 -24.56
CA CYS D 106 -9.63 -39.27 -23.64
C CYS D 106 -9.23 -40.05 -22.39
N HIS D 107 -8.18 -39.58 -21.73
CA HIS D 107 -7.72 -40.14 -20.48
C HIS D 107 -7.99 -39.13 -19.37
N ARG D 108 -8.72 -39.55 -18.34
CA ARG D 108 -9.20 -38.66 -17.30
C ARG D 108 -8.42 -38.88 -16.01
N PHE D 109 -8.01 -37.79 -15.37
CA PHE D 109 -7.29 -37.83 -14.10
C PHE D 109 -8.08 -37.07 -13.05
N TYR D 110 -8.20 -37.66 -11.86
CA TYR D 110 -8.92 -37.08 -10.75
C TYR D 110 -7.96 -36.84 -9.58
N SER D 111 -8.29 -35.84 -8.75
CA SER D 111 -7.46 -35.53 -7.61
C SER D 111 -8.22 -34.73 -6.58
N ASN D 112 -8.02 -35.07 -5.30
CA ASN D 112 -8.40 -34.22 -4.19
C ASN D 112 -7.25 -33.36 -3.70
N ASP D 113 -6.01 -33.81 -3.91
CA ASP D 113 -4.82 -33.03 -3.69
C ASP D 113 -4.02 -32.97 -4.99
N GLY D 114 -3.20 -31.93 -5.13
CA GLY D 114 -2.50 -31.71 -6.38
C GLY D 114 -1.37 -32.67 -6.68
N LYS D 115 -1.14 -33.68 -5.86
CA LYS D 115 0.02 -34.55 -6.00
C LYS D 115 -0.29 -35.95 -6.51
N GLU D 116 -1.37 -36.58 -6.03
CA GLU D 116 -1.76 -37.90 -6.50
C GLU D 116 -2.97 -37.78 -7.43
N TYR D 117 -2.94 -38.54 -8.52
CA TYR D 117 -3.98 -38.49 -9.55
C TYR D 117 -4.50 -39.89 -9.82
N ASN D 118 -5.81 -40.07 -9.73
CA ASN D 118 -6.45 -41.32 -10.11
C ASN D 118 -6.61 -41.37 -11.63
N ASN D 119 -6.30 -42.53 -12.20
CA ASN D 119 -6.20 -42.70 -13.65
C ASN D 119 -7.35 -43.55 -14.16
N ALA D 120 -7.97 -43.10 -15.25
CA ALA D 120 -9.05 -43.84 -15.90
C ALA D 120 -9.29 -43.26 -17.29
N GLU D 121 -9.42 -44.14 -18.28
CA GLU D 121 -9.65 -43.74 -19.66
C GLU D 121 -11.14 -43.77 -19.99
N ILE D 122 -11.61 -42.73 -20.67
CA ILE D 122 -12.99 -42.65 -21.11
C ILE D 122 -13.04 -42.51 -22.63
N THR D 123 -14.24 -42.64 -23.19
CA THR D 123 -14.47 -42.47 -24.61
C THR D 123 -15.72 -41.63 -24.79
N ILE D 124 -15.68 -40.72 -25.76
CA ILE D 124 -16.81 -39.85 -26.08
C ILE D 124 -17.30 -40.23 -27.47
N SER D 125 -18.41 -40.98 -27.52
CA SER D 125 -18.89 -41.56 -28.76
C SER D 125 -19.64 -40.52 -29.58
N ASP D 126 -19.31 -40.44 -30.87
CA ASP D 126 -19.98 -39.57 -31.84
C ASP D 126 -20.04 -38.13 -31.33
N TYR D 127 -18.90 -37.65 -30.82
CA TYR D 127 -18.88 -36.32 -30.21
C TYR D 127 -19.16 -35.25 -31.26
N ILE D 128 -19.77 -34.16 -30.80
CA ILE D 128 -20.31 -33.14 -31.71
C ILE D 128 -19.28 -32.08 -32.09
N LEU D 129 -18.03 -32.22 -31.67
CA LEU D 129 -16.98 -31.27 -32.01
C LEU D 129 -15.97 -31.88 -32.97
N LYS D 130 -16.38 -32.86 -33.77
CA LYS D 130 -15.46 -33.53 -34.69
C LYS D 130 -14.96 -32.56 -35.74
N ASP D 131 -15.87 -31.79 -36.35
CA ASP D 131 -15.52 -30.81 -37.37
C ASP D 131 -15.10 -29.48 -36.79
N LYS D 132 -14.78 -29.43 -35.51
CA LYS D 132 -14.41 -28.19 -34.83
C LYS D 132 -12.92 -28.21 -34.47
N LEU D 133 -12.38 -27.02 -34.25
CA LEU D 133 -11.01 -26.85 -33.78
C LEU D 133 -11.00 -26.81 -32.26
N LEU D 134 -10.14 -27.62 -31.65
CA LEU D 134 -10.01 -27.68 -30.21
C LEU D 134 -8.65 -27.15 -29.77
N SER D 135 -8.60 -26.61 -28.56
CA SER D 135 -7.38 -26.07 -28.01
C SER D 135 -7.33 -26.38 -26.52
N SER D 136 -6.10 -26.53 -26.00
CA SER D 136 -5.91 -26.85 -24.58
C SER D 136 -6.11 -25.60 -23.73
N TYR D 137 -6.75 -25.78 -22.58
CA TYR D 137 -7.00 -24.66 -21.68
C TYR D 137 -7.34 -25.19 -20.29
N VAL D 138 -7.42 -24.24 -19.34
CA VAL D 138 -7.87 -24.49 -17.98
C VAL D 138 -9.14 -23.68 -17.75
N SER D 139 -10.12 -24.28 -17.09
CA SER D 139 -11.41 -23.64 -16.90
C SER D 139 -11.96 -24.00 -15.53
N LEU D 140 -13.08 -23.37 -15.18
CA LEU D 140 -13.76 -23.60 -13.92
C LEU D 140 -15.19 -24.06 -14.18
N PRO D 141 -15.76 -24.87 -13.28
CA PRO D 141 -17.13 -25.36 -13.49
C PRO D 141 -18.13 -24.21 -13.63
N LEU D 142 -18.76 -24.14 -14.80
CA LEU D 142 -19.73 -23.11 -15.08
C LEU D 142 -21.09 -23.49 -14.49
N LYS D 143 -21.62 -22.64 -13.62
CA LYS D 143 -22.89 -22.89 -12.97
C LYS D 143 -24.02 -22.32 -13.84
N ILE D 144 -24.93 -23.19 -14.26
CA ILE D 144 -26.07 -22.80 -15.08
C ILE D 144 -27.32 -23.37 -14.41
N GLU D 145 -28.13 -22.50 -13.81
CA GLU D 145 -29.35 -22.90 -13.10
C GLU D 145 -29.02 -23.90 -11.99
N ASN D 146 -28.06 -23.53 -11.14
CA ASN D 146 -27.66 -24.30 -9.97
C ASN D 146 -27.05 -25.65 -10.33
N ARG D 147 -26.66 -25.85 -11.59
CA ARG D 147 -25.93 -27.03 -12.03
C ARG D 147 -24.55 -26.64 -12.52
N GLU D 148 -23.54 -27.39 -12.12
CA GLU D 148 -22.17 -27.13 -12.53
C GLU D 148 -21.79 -28.01 -13.72
N TYR D 149 -21.11 -27.40 -14.69
CA TYR D 149 -20.71 -28.09 -15.90
C TYR D 149 -19.24 -27.82 -16.20
N PHE D 150 -18.54 -28.84 -16.68
CA PHE D 150 -17.24 -28.67 -17.30
C PHE D 150 -17.44 -28.53 -18.81
N LEU D 151 -16.70 -27.61 -19.42
CA LEU D 151 -16.92 -27.27 -20.82
C LEU D 151 -15.74 -27.69 -21.68
N ILE D 152 -16.05 -28.39 -22.78
CA ILE D 152 -15.13 -28.61 -23.88
C ILE D 152 -15.65 -27.80 -25.05
N CYS D 153 -15.02 -26.67 -25.34
CA CYS D 153 -15.51 -25.75 -26.35
C CYS D 153 -14.65 -25.81 -27.60
N GLY D 154 -15.28 -25.54 -28.74
CA GLY D 154 -14.59 -25.57 -30.02
C GLY D 154 -15.20 -24.59 -30.99
N VAL D 155 -14.43 -24.28 -32.03
CA VAL D 155 -14.82 -23.30 -33.03
C VAL D 155 -14.56 -23.87 -34.43
N SER D 156 -15.40 -23.49 -35.37
CA SER D 156 -15.16 -23.83 -36.76
C SER D 156 -13.88 -23.14 -37.22
N PRO D 157 -12.92 -23.90 -37.78
CA PRO D 157 -11.65 -23.26 -38.18
C PRO D 157 -11.82 -22.23 -39.26
N TYR D 158 -12.79 -22.42 -40.15
CA TYR D 158 -12.96 -21.59 -41.33
C TYR D 158 -14.31 -21.89 -41.96
N LYS D 159 -15.07 -20.85 -42.30
CA LYS D 159 -16.36 -21.00 -42.94
C LYS D 159 -16.36 -20.21 -44.25
N PHE D 160 -16.69 -20.88 -45.35
CA PHE D 160 -16.60 -20.26 -46.67
C PHE D 160 -17.85 -19.43 -46.99
N LYS D 161 -19.02 -20.06 -46.96
CA LYS D 161 -20.27 -19.38 -47.25
C LYS D 161 -21.21 -19.47 -46.05
N ASP D 162 -22.16 -18.55 -46.00
CA ASP D 162 -23.06 -18.42 -44.87
C ASP D 162 -24.15 -19.49 -44.95
N ASP D 163 -24.38 -20.17 -43.82
CA ASP D 163 -25.47 -21.14 -43.73
C ASP D 163 -26.33 -20.87 -42.50
N ASN D 164 -25.88 -21.35 -41.33
CA ASN D 164 -26.55 -21.08 -40.07
C ASN D 164 -25.54 -20.49 -39.10
N LYS D 165 -25.87 -19.32 -38.54
CA LYS D 165 -24.96 -18.68 -37.60
C LYS D 165 -24.76 -19.51 -36.34
N LYS D 166 -25.66 -20.45 -36.05
CA LYS D 166 -25.49 -21.32 -34.91
C LYS D 166 -24.38 -22.34 -35.19
N ASP D 167 -23.94 -23.01 -34.13
CA ASP D 167 -22.95 -24.08 -34.18
C ASP D 167 -21.60 -23.61 -34.70
N ASP D 168 -21.31 -22.31 -34.62
CA ASP D 168 -19.96 -21.84 -34.91
C ASP D 168 -19.06 -22.03 -33.70
N ILE D 169 -19.49 -21.54 -32.54
CA ILE D 169 -18.89 -21.89 -31.26
C ILE D 169 -19.77 -22.98 -30.65
N LEU D 170 -19.17 -24.12 -30.35
CA LEU D 170 -19.93 -25.25 -29.82
C LEU D 170 -19.16 -25.87 -28.66
N CYS D 171 -19.85 -26.12 -27.55
CA CYS D 171 -19.24 -26.64 -26.35
C CYS D 171 -19.93 -27.93 -25.93
N MET D 172 -19.15 -28.83 -25.31
CA MET D 172 -19.68 -30.03 -24.68
C MET D 172 -19.63 -29.84 -23.17
N ALA D 173 -20.74 -30.10 -22.49
CA ALA D 173 -20.82 -29.95 -21.06
C ALA D 173 -20.73 -31.29 -20.36
N SER D 174 -20.30 -31.26 -19.09
CA SER D 174 -20.23 -32.44 -18.25
C SER D 174 -20.66 -32.04 -16.85
N HIS D 175 -21.77 -32.61 -16.38
CA HIS D 175 -22.26 -32.37 -15.03
C HIS D 175 -21.92 -33.52 -14.08
N ASP D 176 -20.94 -34.35 -14.44
CA ASP D 176 -20.49 -35.46 -13.61
C ASP D 176 -18.97 -35.45 -13.47
N LYS D 177 -18.39 -34.26 -13.40
CA LYS D 177 -16.94 -34.10 -13.15
C LYS D 177 -16.10 -34.80 -14.22
N GLY D 178 -16.53 -34.69 -15.47
CA GLY D 178 -15.74 -35.16 -16.60
C GLY D 178 -15.97 -36.60 -17.01
N GLU D 179 -16.90 -37.32 -16.37
CA GLU D 179 -17.09 -38.73 -16.70
C GLU D 179 -17.81 -38.88 -18.04
N THR D 180 -18.95 -38.23 -18.20
CA THR D 180 -19.70 -38.25 -19.45
C THR D 180 -19.76 -36.85 -20.03
N TRP D 181 -19.92 -36.77 -21.35
CA TRP D 181 -19.92 -35.51 -22.08
C TRP D 181 -21.09 -35.44 -23.05
N GLY D 182 -22.26 -35.91 -22.63
CA GLY D 182 -23.42 -35.93 -23.50
C GLY D 182 -24.16 -34.62 -23.60
N THR D 183 -23.91 -33.69 -22.68
CA THR D 183 -24.61 -32.41 -22.69
C THR D 183 -23.98 -31.47 -23.70
N LYS D 184 -24.83 -30.63 -24.30
CA LYS D 184 -24.39 -29.70 -25.34
C LYS D 184 -24.87 -28.29 -25.00
N ILE D 185 -23.92 -27.35 -24.96
CA ILE D 185 -24.23 -25.94 -24.76
C ILE D 185 -24.08 -25.23 -26.09
N VAL D 186 -25.15 -24.57 -26.53
CA VAL D 186 -25.17 -23.88 -27.82
C VAL D 186 -24.81 -22.43 -27.61
N ILE D 187 -23.86 -21.94 -28.40
CA ILE D 187 -23.36 -20.57 -28.33
C ILE D 187 -23.79 -19.85 -29.60
N LYS D 188 -24.57 -18.79 -29.44
CA LYS D 188 -25.14 -18.05 -30.58
C LYS D 188 -24.31 -16.80 -30.82
N TYR D 189 -23.25 -16.96 -31.60
CA TYR D 189 -22.34 -15.86 -31.94
C TYR D 189 -22.75 -15.28 -33.29
N ASP D 190 -23.36 -14.10 -33.25
CA ASP D 190 -23.87 -13.48 -34.47
C ASP D 190 -22.77 -12.87 -35.34
N ASN D 191 -21.61 -12.56 -34.76
CA ASN D 191 -20.56 -11.84 -35.48
C ASN D 191 -19.44 -12.78 -35.94
N TYR D 192 -19.80 -13.98 -36.39
CA TYR D 192 -18.81 -14.89 -36.96
C TYR D 192 -18.59 -14.52 -38.42
N LYS D 193 -17.34 -14.24 -38.79
CA LYS D 193 -17.02 -13.71 -40.10
C LYS D 193 -16.66 -14.81 -41.08
N LEU D 194 -17.10 -14.66 -42.32
CA LEU D 194 -16.80 -15.62 -43.37
C LEU D 194 -15.40 -15.37 -43.94
N GLY D 195 -14.79 -16.45 -44.42
CA GLY D 195 -13.53 -16.34 -45.14
C GLY D 195 -12.32 -16.02 -44.29
N VAL D 196 -12.41 -16.19 -42.97
CA VAL D 196 -11.28 -15.96 -42.07
C VAL D 196 -11.09 -17.20 -41.20
N GLN D 197 -9.87 -17.33 -40.67
CA GLN D 197 -9.52 -18.44 -39.81
C GLN D 197 -9.64 -18.03 -38.34
N TYR D 198 -10.10 -18.96 -37.52
CA TYR D 198 -10.19 -18.76 -36.07
C TYR D 198 -9.20 -19.70 -35.39
N PHE D 199 -8.60 -19.23 -34.31
CA PHE D 199 -7.60 -20.01 -33.58
C PHE D 199 -7.84 -19.89 -32.08
N PHE D 200 -7.47 -20.93 -31.36
CA PHE D 200 -7.34 -20.91 -29.90
C PHE D 200 -8.61 -20.38 -29.22
N LEU D 201 -9.70 -21.11 -29.40
CA LEU D 201 -10.93 -20.79 -28.66
C LEU D 201 -10.80 -21.33 -27.24
N ARG D 202 -10.85 -20.42 -26.28
CA ARG D 202 -10.81 -20.79 -24.87
C ARG D 202 -11.91 -20.07 -24.11
N PRO D 203 -12.61 -20.76 -23.21
CA PRO D 203 -13.64 -20.10 -22.40
C PRO D 203 -13.06 -19.46 -21.16
N TYR D 204 -13.57 -18.27 -20.84
CA TYR D 204 -13.21 -17.54 -19.63
C TYR D 204 -14.41 -17.52 -18.71
N ILE D 205 -14.37 -18.33 -17.67
CA ILE D 205 -15.46 -18.44 -16.69
C ILE D 205 -15.13 -17.54 -15.51
N SER D 206 -15.81 -16.41 -15.41
CA SER D 206 -15.67 -15.50 -14.29
C SER D 206 -17.05 -15.32 -13.65
N LYS D 207 -17.12 -15.49 -12.33
CA LYS D 207 -18.39 -15.46 -11.59
C LYS D 207 -19.29 -16.53 -12.20
N ASN D 208 -20.55 -16.22 -12.50
CA ASN D 208 -21.45 -17.12 -13.21
C ASN D 208 -21.50 -16.83 -14.70
N ASP D 209 -20.57 -16.02 -15.20
CA ASP D 209 -20.60 -15.53 -16.57
C ASP D 209 -19.64 -16.33 -17.44
N LEU D 210 -20.04 -16.54 -18.69
CA LEU D 210 -19.22 -17.20 -19.70
C LEU D 210 -18.75 -16.17 -20.72
N SER D 211 -17.46 -16.23 -21.06
CA SER D 211 -16.91 -15.41 -22.14
C SER D 211 -15.83 -16.22 -22.83
N PHE D 212 -15.51 -15.84 -24.06
CA PHE D 212 -14.54 -16.56 -24.86
C PHE D 212 -13.44 -15.63 -25.35
N HIS D 213 -12.22 -16.18 -25.43
CA HIS D 213 -11.04 -15.46 -25.87
C HIS D 213 -10.40 -16.27 -26.98
N PHE D 214 -10.21 -15.65 -28.16
CA PHE D 214 -9.70 -16.37 -29.31
C PHE D 214 -9.04 -15.39 -30.27
N TYR D 215 -8.22 -15.95 -31.17
CA TYR D 215 -7.52 -15.19 -32.19
C TYR D 215 -8.23 -15.33 -33.53
N VAL D 216 -8.26 -14.24 -34.29
CA VAL D 216 -8.86 -14.21 -35.61
C VAL D 216 -7.83 -13.66 -36.59
N GLY D 217 -7.66 -14.33 -37.72
CA GLY D 217 -6.70 -13.89 -38.72
C GLY D 217 -7.25 -12.76 -39.57
N ASP D 218 -6.33 -11.90 -40.01
CA ASP D 218 -6.65 -10.79 -40.90
C ASP D 218 -5.88 -10.98 -42.19
N ASN D 219 -6.59 -11.16 -43.30
CA ASN D 219 -5.94 -11.45 -44.57
C ASN D 219 -5.41 -10.19 -45.26
N ILE D 220 -5.85 -9.00 -44.85
CA ILE D 220 -5.35 -7.78 -45.46
C ILE D 220 -4.12 -7.24 -44.73
N ASN D 221 -4.09 -7.33 -43.40
CA ASN D 221 -2.96 -6.87 -42.62
C ASN D 221 -2.01 -8.01 -42.26
N ASN D 222 -2.43 -9.26 -42.45
CA ASN D 222 -1.59 -10.43 -42.22
C ASN D 222 -1.08 -10.47 -40.78
N VAL D 223 -2.04 -10.73 -39.87
CA VAL D 223 -1.77 -10.81 -38.45
C VAL D 223 -2.99 -11.41 -37.75
N LYS D 224 -2.75 -12.17 -36.67
CA LYS D 224 -3.82 -12.75 -35.87
C LYS D 224 -3.93 -11.93 -34.58
N ASN D 225 -5.04 -11.22 -34.43
CA ASN D 225 -5.30 -10.44 -33.22
C ASN D 225 -6.49 -11.02 -32.48
N VAL D 226 -6.43 -10.98 -31.15
CA VAL D 226 -7.45 -11.62 -30.33
C VAL D 226 -8.78 -10.89 -30.45
N ASN D 227 -9.86 -11.66 -30.47
CA ASN D 227 -11.20 -11.16 -30.23
C ASN D 227 -11.68 -11.68 -28.88
N PHE D 228 -12.42 -10.84 -28.16
CA PHE D 228 -13.01 -11.23 -26.88
C PHE D 228 -14.51 -11.00 -26.95
N ILE D 229 -15.29 -12.02 -26.61
CA ILE D 229 -16.74 -11.95 -26.67
C ILE D 229 -17.31 -12.29 -25.30
N GLU D 230 -18.35 -11.56 -24.91
CA GLU D 230 -19.06 -11.78 -23.66
C GLU D 230 -20.36 -12.50 -23.97
N CYS D 231 -20.66 -13.54 -23.19
CA CYS D 231 -21.88 -14.32 -23.37
C CYS D 231 -22.80 -14.12 -22.18
N THR D 232 -24.11 -14.01 -22.47
CA THR D 232 -25.13 -13.89 -21.45
C THR D 232 -26.17 -14.98 -21.64
N HIS D 233 -26.64 -15.54 -20.52
CA HIS D 233 -27.56 -16.66 -20.57
C HIS D 233 -28.94 -16.22 -21.05
N GLU D 234 -29.53 -16.99 -21.95
CA GLU D 234 -30.83 -16.68 -22.52
C GLU D 234 -31.89 -17.64 -21.99
N LYS D 235 -31.98 -18.82 -22.61
CA LYS D 235 -32.91 -19.86 -22.22
C LYS D 235 -32.19 -21.19 -22.17
N ASP D 236 -32.50 -22.00 -21.15
CA ASP D 236 -31.92 -23.32 -20.97
C ASP D 236 -30.39 -23.25 -21.01
N LEU D 237 -29.78 -23.92 -21.97
CA LEU D 237 -28.33 -23.88 -22.14
C LEU D 237 -27.93 -23.10 -23.39
N GLU D 238 -28.74 -22.14 -23.80
CA GLU D 238 -28.41 -21.26 -24.92
C GLU D 238 -27.79 -19.98 -24.40
N PHE D 239 -26.74 -19.53 -25.09
CA PHE D 239 -26.06 -18.27 -24.77
C PHE D 239 -26.02 -17.39 -26.01
N VAL D 240 -26.19 -16.09 -25.81
CA VAL D 240 -26.03 -15.09 -26.86
C VAL D 240 -24.78 -14.30 -26.53
N CYS D 241 -23.83 -14.25 -27.47
CA CYS D 241 -22.55 -13.61 -27.26
C CYS D 241 -22.35 -12.48 -28.24
N SER D 242 -21.63 -11.45 -27.80
CA SER D 242 -21.31 -10.31 -28.64
C SER D 242 -19.86 -9.91 -28.37
N ASN D 243 -19.23 -9.32 -29.39
CA ASN D 243 -17.85 -8.89 -29.25
C ASN D 243 -17.73 -7.76 -28.24
N ARG D 244 -16.58 -7.72 -27.57
CA ARG D 244 -16.26 -6.69 -26.59
C ARG D 244 -15.00 -5.98 -27.06
N ASP D 245 -15.06 -4.65 -27.14
CA ASP D 245 -14.00 -3.85 -27.73
C ASP D 245 -12.99 -3.45 -26.65
N PHE D 246 -11.73 -3.85 -26.83
CA PHE D 246 -10.62 -3.36 -26.02
C PHE D 246 -9.56 -2.69 -26.88
N LEU D 247 -9.88 -2.34 -28.13
CA LEU D 247 -8.88 -1.85 -29.06
C LEU D 247 -8.32 -0.51 -28.62
N LYS D 248 -6.99 -0.42 -28.59
CA LYS D 248 -6.27 0.82 -28.39
C LYS D 248 -5.34 1.05 -29.57
N ASP D 249 -5.00 2.31 -29.80
CA ASP D 249 -4.19 2.66 -30.96
C ASP D 249 -2.73 2.25 -30.75
N ASN D 250 -2.14 1.68 -31.81
CA ASN D 250 -0.74 1.26 -31.80
C ASN D 250 -0.44 0.31 -30.64
N LYS D 251 -1.41 -0.51 -30.27
CA LYS D 251 -1.25 -1.50 -29.21
C LYS D 251 -1.96 -2.77 -29.62
N VAL D 252 -1.27 -3.91 -29.48
CA VAL D 252 -1.83 -5.20 -29.84
C VAL D 252 -2.48 -5.81 -28.60
N LEU D 253 -3.75 -6.18 -28.72
CA LEU D 253 -4.46 -6.81 -27.61
C LEU D 253 -3.85 -8.16 -27.29
N GLN D 254 -3.83 -8.50 -26.00
CA GLN D 254 -3.20 -9.74 -25.57
C GLN D 254 -4.12 -10.62 -24.73
N ASP D 255 -4.31 -10.28 -23.46
CA ASP D 255 -5.13 -11.07 -22.56
C ASP D 255 -6.09 -10.17 -21.80
N VAL D 256 -7.16 -10.79 -21.29
CA VAL D 256 -8.25 -10.10 -20.60
C VAL D 256 -8.56 -10.87 -19.32
N SER D 257 -8.79 -10.13 -18.23
CA SER D 257 -9.16 -10.74 -16.97
C SER D 257 -10.12 -9.81 -16.24
N THR D 258 -10.33 -10.10 -14.95
CA THR D 258 -11.29 -9.38 -14.12
C THR D 258 -10.65 -9.09 -12.77
N LEU D 259 -10.67 -7.81 -12.37
CA LEU D 259 -10.27 -7.40 -11.04
C LEU D 259 -11.17 -6.26 -10.61
N ASN D 260 -11.57 -6.26 -9.34
CA ASN D 260 -12.42 -5.21 -8.77
C ASN D 260 -13.74 -5.09 -9.54
N ASP D 261 -14.20 -6.22 -10.09
CA ASP D 261 -15.43 -6.29 -10.89
C ASP D 261 -15.38 -5.35 -12.08
N GLU D 262 -14.20 -5.23 -12.68
CA GLU D 262 -14.00 -4.46 -13.90
C GLU D 262 -12.89 -5.13 -14.70
N TYR D 263 -12.91 -4.90 -16.01
CA TYR D 263 -11.96 -5.57 -16.89
C TYR D 263 -10.54 -5.03 -16.67
N ILE D 264 -9.58 -5.94 -16.65
CA ILE D 264 -8.16 -5.60 -16.74
C ILE D 264 -7.62 -6.25 -17.99
N VAL D 265 -6.85 -5.49 -18.77
CA VAL D 265 -6.44 -5.91 -20.11
C VAL D 265 -4.95 -5.66 -20.28
N SER D 266 -4.28 -6.62 -20.92
CA SER D 266 -2.86 -6.50 -21.23
C SER D 266 -2.66 -6.25 -22.72
N TYR D 267 -1.69 -5.40 -23.06
CA TYR D 267 -1.40 -5.03 -24.43
C TYR D 267 0.09 -5.21 -24.70
N GLY D 268 0.46 -5.00 -25.97
CA GLY D 268 1.86 -5.01 -26.36
C GLY D 268 2.16 -3.83 -27.26
N ASN D 269 3.42 -3.41 -27.23
CA ASN D 269 3.83 -2.27 -28.04
C ASN D 269 3.69 -2.57 -29.53
N ASP D 270 3.96 -3.81 -29.93
CA ASP D 270 3.76 -4.27 -31.30
C ASP D 270 3.62 -5.78 -31.26
N ASN D 271 3.49 -6.39 -32.44
CA ASN D 271 3.35 -7.84 -32.51
C ASN D 271 4.59 -8.58 -32.05
N ASN D 272 5.70 -7.89 -31.83
CA ASN D 272 6.90 -8.49 -31.28
C ASN D 272 6.92 -8.51 -29.76
N PHE D 273 6.05 -7.72 -29.12
CA PHE D 273 5.84 -7.76 -27.67
C PHE D 273 7.13 -7.52 -26.90
N ALA D 274 7.81 -6.41 -27.22
CA ALA D 274 8.98 -6.01 -26.45
C ALA D 274 8.57 -5.47 -25.08
N GLU D 275 7.49 -4.70 -25.03
CA GLU D 275 6.96 -4.15 -23.79
C GLU D 275 5.47 -4.44 -23.69
N CYS D 276 4.97 -4.55 -22.46
CA CYS D 276 3.58 -4.87 -22.20
C CYS D 276 2.95 -3.79 -21.33
N TYR D 277 1.69 -3.48 -21.61
CA TYR D 277 0.91 -2.52 -20.86
C TYR D 277 -0.29 -3.23 -20.24
N ILE D 278 -0.65 -2.84 -19.02
CA ILE D 278 -1.81 -3.40 -18.33
C ILE D 278 -2.70 -2.23 -17.92
N PHE D 279 -3.94 -2.23 -18.39
CA PHE D 279 -4.88 -1.15 -18.13
C PHE D 279 -5.99 -1.65 -17.22
N PHE D 280 -6.17 -0.98 -16.08
CA PHE D 280 -7.22 -1.31 -15.12
C PHE D 280 -8.41 -0.42 -15.40
N ASN D 281 -9.52 -1.02 -15.84
CA ASN D 281 -10.76 -0.32 -16.12
C ASN D 281 -10.60 0.73 -17.23
N ASN D 282 -9.56 0.58 -18.06
CA ASN D 282 -9.25 1.54 -19.12
C ASN D 282 -9.00 2.93 -18.55
N GLU D 283 -8.44 3.00 -17.34
CA GLU D 283 -8.13 4.26 -16.69
C GLU D 283 -6.67 4.30 -16.28
N ASN D 284 -6.32 3.60 -15.21
CA ASN D 284 -4.94 3.50 -14.78
C ASN D 284 -4.21 2.43 -15.58
N SER D 285 -2.90 2.58 -15.71
CA SER D 285 -2.11 1.65 -16.50
C SER D 285 -0.71 1.53 -15.91
N ILE D 286 -0.13 0.35 -16.09
CA ILE D 286 1.26 0.08 -15.71
C ILE D 286 1.97 -0.54 -16.91
N LEU D 287 3.27 -0.29 -17.00
CA LEU D 287 4.11 -0.78 -18.09
C LEU D 287 5.00 -1.91 -17.60
N ILE D 288 5.22 -2.89 -18.46
CA ILE D 288 6.03 -4.06 -18.13
C ILE D 288 7.19 -4.12 -19.12
N LYS D 289 8.41 -3.96 -18.60
CA LYS D 289 9.63 -4.01 -19.40
C LYS D 289 10.47 -5.20 -18.93
N PRO D 290 10.45 -6.32 -19.62
CA PRO D 290 11.21 -7.49 -19.16
C PRO D 290 12.71 -7.26 -19.23
N GLU D 291 13.41 -7.74 -18.20
CA GLU D 291 14.86 -7.61 -18.06
C GLU D 291 15.36 -6.19 -18.33
N GLY D 299 11.29 -9.95 -23.95
CA GLY D 299 9.97 -9.97 -24.59
C GLY D 299 8.90 -10.60 -23.73
N CYS D 300 7.76 -9.93 -23.64
CA CYS D 300 6.64 -10.40 -22.82
C CYS D 300 5.59 -11.05 -23.71
N TYR D 301 5.98 -12.16 -24.34
CA TYR D 301 5.11 -12.88 -25.26
C TYR D 301 4.36 -13.98 -24.53
N GLY D 302 3.12 -14.22 -24.95
CA GLY D 302 2.30 -15.23 -24.34
C GLY D 302 1.90 -14.94 -22.92
N GLY D 303 1.97 -13.68 -22.49
CA GLY D 303 1.64 -13.35 -21.11
C GLY D 303 0.16 -13.56 -20.85
N THR D 304 -0.16 -14.24 -19.76
CA THR D 304 -1.53 -14.55 -19.40
C THR D 304 -1.81 -14.09 -17.97
N PHE D 305 -3.09 -14.03 -17.64
CA PHE D 305 -3.56 -13.65 -16.31
C PHE D 305 -3.98 -14.90 -15.53
N VAL D 306 -3.60 -14.95 -14.26
CA VAL D 306 -4.02 -16.02 -13.35
C VAL D 306 -4.65 -15.35 -12.13
N LYS D 307 -5.98 -15.41 -12.05
CA LYS D 307 -6.72 -14.72 -11.01
C LYS D 307 -6.62 -15.49 -9.68
N ILE D 308 -6.37 -14.75 -8.60
CA ILE D 308 -6.28 -15.34 -7.27
C ILE D 308 -7.56 -15.04 -6.51
N ASP D 309 -7.77 -13.77 -6.17
CA ASP D 309 -9.01 -13.30 -5.59
C ASP D 309 -9.54 -12.14 -6.43
N GLU D 310 -10.66 -11.56 -6.00
CA GLU D 310 -11.35 -10.56 -6.79
C GLU D 310 -10.56 -9.26 -6.94
N ASN D 311 -9.48 -9.09 -6.18
CA ASN D 311 -8.68 -7.87 -6.26
C ASN D 311 -7.19 -8.15 -6.41
N ARG D 312 -6.80 -9.40 -6.69
CA ARG D 312 -5.39 -9.74 -6.85
C ARG D 312 -5.27 -10.80 -7.94
N ALA D 313 -4.27 -10.63 -8.79
CA ALA D 313 -4.07 -11.52 -9.93
C ALA D 313 -2.58 -11.65 -10.22
N LEU D 314 -2.26 -12.51 -11.19
CA LEU D 314 -0.89 -12.75 -11.61
C LEU D 314 -0.75 -12.53 -13.10
N PHE D 315 0.47 -12.16 -13.51
CA PHE D 315 0.82 -11.98 -14.91
C PHE D 315 2.16 -12.67 -15.15
N ILE D 316 2.14 -13.78 -15.90
CA ILE D 316 3.31 -14.62 -16.09
C ILE D 316 3.70 -14.60 -17.56
N TYR D 317 5.00 -14.61 -17.82
CA TYR D 317 5.54 -14.80 -19.16
C TYR D 317 6.91 -15.47 -19.02
N SER D 318 7.68 -15.49 -20.11
CA SER D 318 9.00 -16.10 -20.11
C SER D 318 9.91 -15.25 -21.01
N SER D 319 10.67 -14.35 -20.38
CA SER D 319 11.59 -13.51 -21.15
C SER D 319 12.70 -14.35 -21.78
N SER D 320 13.20 -15.34 -21.05
CA SER D 320 14.21 -16.26 -21.55
C SER D 320 13.78 -17.69 -21.23
N GLN D 321 14.61 -18.65 -21.62
CA GLN D 321 14.28 -20.05 -21.40
C GLN D 321 14.49 -20.43 -19.94
N GLY D 322 13.52 -21.14 -19.37
CA GLY D 322 13.65 -21.68 -18.04
C GLY D 322 13.39 -20.72 -16.90
N ILE D 323 13.07 -19.46 -17.17
CA ILE D 323 12.81 -18.47 -16.13
C ILE D 323 11.47 -17.80 -16.42
N TYR D 324 10.60 -17.78 -15.41
CA TYR D 324 9.28 -17.16 -15.50
C TYR D 324 9.24 -15.91 -14.64
N ASN D 325 8.85 -14.79 -15.24
CA ASN D 325 8.65 -13.54 -14.52
C ASN D 325 7.19 -13.48 -14.08
N ILE D 326 6.95 -13.49 -12.77
CA ILE D 326 5.61 -13.46 -12.22
C ILE D 326 5.39 -12.11 -11.54
N HIS D 327 4.33 -11.42 -11.97
CA HIS D 327 3.99 -10.10 -11.46
C HIS D 327 2.72 -10.23 -10.64
N THR D 328 2.85 -10.13 -9.31
CA THR D 328 1.69 -10.15 -8.43
C THR D 328 1.07 -8.77 -8.40
N ILE D 329 -0.20 -8.68 -8.83
CA ILE D 329 -0.86 -7.39 -9.04
C ILE D 329 -2.06 -7.30 -8.10
N TYR D 330 -2.13 -6.20 -7.36
CA TYR D 330 -3.27 -5.89 -6.52
C TYR D 330 -3.90 -4.60 -7.00
N TYR D 331 -5.22 -4.61 -7.19
CA TYR D 331 -5.97 -3.46 -7.65
C TYR D 331 -7.24 -3.32 -6.83
N ALA D 332 -7.57 -2.09 -6.45
CA ALA D 332 -8.78 -1.84 -5.68
C ALA D 332 -9.28 -0.43 -5.96
N ASN D 333 -10.58 -0.30 -6.18
CA ASN D 333 -11.21 1.00 -6.40
C ASN D 333 -12.59 0.95 -5.77
N TYR D 334 -12.79 1.71 -4.70
CA TYR D 334 -14.07 1.73 -4.00
C TYR D 334 -14.36 3.15 -3.54
N GLU D 335 -15.56 3.32 -2.96
CA GLU D 335 -16.06 4.63 -2.53
C GLU D 335 -16.04 5.65 -3.66
#